data_4GYJ
#
_entry.id   4GYJ
#
_cell.length_a   58.450
_cell.length_b   73.390
_cell.length_c   83.430
_cell.angle_alpha   98.65
_cell.angle_beta   110.14
_cell.angle_gamma   92.43
#
_symmetry.space_group_name_H-M   'P 1'
#
loop_
_entity.id
_entity.type
_entity.pdbx_description
1 polymer 'Uncharacterized lipoprotein ybbD'
2 branched '2-acetamido-2-deoxy-beta-D-glucopyranose-(1-4)-N-acetyl-alpha-muramic acid'
3 non-polymer 2-acetamido-2-deoxy-beta-D-glucopyranose
4 water water
#
_entity_poly.entity_id   1
_entity_poly.type   'polypeptide(L)'
_entity_poly.pdbx_seq_one_letter_code
;MGSSHHHHHHSSGLVPRGSHMFFGARQTEASASKRAIDANQIVNRMSLDEKLGQMLMPDFRNWQKEGESSPQALTKMNDE
VASLVKKYQFGGIILFAENVKTTKQTVQLTDDYQKASPKIPLMLSIDQEGGIVTRLGEGTNFPGNMALGAARSRINAYQT
GSIIGKELSALGINTDFSPVVDINNNPDNPVIGVRSFSSNRELTSRLGLYTMKGLQRQDIASALKHFPGHGDTDVDSHYG
LPLVSHGQERLREVELYPFQKAIDAGADMVMTAHVQFPAFDDTTYKSKLDGSDILVPATLSKKVMTGLLRQEMGFNGVIV
TNALNMKAIADHFGQEEAVVMAVKAGVDIALMPASVTSLKEEQKFARVIQALKEAVKNGDIPEQQINNSVERIISLKIKR
GMYPARNSDSTKEKIAKAKKIVGSKQHLKAEKKLAEKAVTVLKNEQHTLPFKPKKGSRILIVAPYEEQTASIEQTIHDLI
KRKKIKPVSLSKMNFASQVFKTEHEKQVKEADYIITGSYVVKNDPVVNDGVIDDTISDSSKWATVFPRAVMKAALQHNKP
FVLMSLRNPYDAANFEEAKALIAVYGFKGYANGRYLQPNIPAGVMAIFGQAKPKGTLPVDIPSVTKPGNTLYPLGYGLNI
KTGRPLGS
;
_entity_poly.pdbx_strand_id   A,B
#
loop_
_chem_comp.id
_chem_comp.type
_chem_comp.name
_chem_comp.formula
MUB D-saccharide, alpha linking 'N-acetyl-alpha-muramic acid' 'C11 H19 N O8'
NAG D-saccharide, beta linking 2-acetamido-2-deoxy-beta-D-glucopyranose 'C8 H15 N O6'
#
# COMPACT_ATOMS: atom_id res chain seq x y z
N GLU A 29 37.32 23.71 12.73
CA GLU A 29 38.76 23.78 12.57
C GLU A 29 39.43 22.48 12.98
N ALA A 30 39.63 22.33 14.29
CA ALA A 30 40.20 21.10 14.83
C ALA A 30 39.12 20.02 14.96
N SER A 31 37.87 20.46 15.09
CA SER A 31 36.73 19.54 15.18
C SER A 31 36.58 18.79 13.86
N ALA A 32 36.73 19.52 12.75
CA ALA A 32 36.61 18.95 11.41
C ALA A 32 37.79 18.01 11.13
N SER A 33 38.98 18.40 11.60
CA SER A 33 40.16 17.57 11.43
C SER A 33 39.98 16.29 12.26
N LYS A 34 39.56 16.44 13.51
CA LYS A 34 39.31 15.29 14.38
C LYS A 34 38.23 14.37 13.80
N ARG A 35 37.20 14.98 13.23
CA ARG A 35 36.09 14.24 12.64
C ARG A 35 36.53 13.34 11.49
N ALA A 36 37.40 13.86 10.64
CA ALA A 36 37.91 13.08 9.50
C ALA A 36 38.75 11.90 9.97
N ILE A 37 39.58 12.15 10.99
CA ILE A 37 40.44 11.11 11.52
C ILE A 37 39.59 10.03 12.22
N ASP A 38 38.62 10.48 13.02
CA ASP A 38 37.72 9.56 13.71
C ASP A 38 36.97 8.69 12.72
N ALA A 39 36.44 9.31 11.67
CA ALA A 39 35.71 8.55 10.67
C ALA A 39 36.59 7.49 10.03
N ASN A 40 37.83 7.86 9.73
CA ASN A 40 38.79 6.93 9.15
C ASN A 40 39.09 5.75 10.08
N GLN A 41 39.36 6.03 11.35
CA GLN A 41 39.65 4.97 12.29
C GLN A 41 38.47 4.00 12.47
N ILE A 42 37.28 4.57 12.49
CA ILE A 42 36.06 3.80 12.63
C ILE A 42 35.83 2.89 11.41
N VAL A 43 35.98 3.45 10.22
CA VAL A 43 35.75 2.66 9.03
C VAL A 43 36.82 1.58 8.87
N ASN A 44 38.05 1.86 9.28
CA ASN A 44 39.11 0.84 9.20
C ASN A 44 38.81 -0.43 9.98
N ARG A 45 37.97 -0.33 11.00
CA ARG A 45 37.65 -1.51 11.82
C ARG A 45 36.43 -2.29 11.30
N MET A 46 35.71 -1.73 10.33
CA MET A 46 34.47 -2.35 9.87
C MET A 46 34.76 -3.49 8.88
N SER A 47 33.93 -4.53 8.90
CA SER A 47 33.98 -5.57 7.88
C SER A 47 33.37 -5.04 6.59
N LEU A 48 33.61 -5.74 5.48
CA LEU A 48 33.06 -5.29 4.20
C LEU A 48 31.54 -5.29 4.25
N ASP A 49 30.96 -6.30 4.88
CA ASP A 49 29.50 -6.34 4.99
C ASP A 49 28.97 -5.12 5.74
N GLU A 50 29.69 -4.70 6.78
CA GLU A 50 29.30 -3.53 7.54
C GLU A 50 29.41 -2.27 6.69
N LYS A 51 30.52 -2.15 5.97
CA LYS A 51 30.74 -0.99 5.10
C LYS A 51 29.64 -0.89 4.05
N LEU A 52 29.34 -2.00 3.38
CA LEU A 52 28.32 -1.95 2.32
C LEU A 52 26.94 -1.69 2.92
N GLY A 53 26.68 -2.22 4.10
CA GLY A 53 25.45 -1.92 4.80
C GLY A 53 25.24 -0.42 4.99
N GLN A 54 26.30 0.29 5.34
CA GLN A 54 26.19 1.74 5.55
C GLN A 54 25.76 2.47 4.30
N MET A 55 26.05 1.88 3.14
CA MET A 55 25.77 2.55 1.88
C MET A 55 24.34 2.28 1.36
N LEU A 56 23.55 1.53 2.14
CA LEU A 56 22.16 1.24 1.76
C LEU A 56 21.17 2.03 2.58
N MET A 57 20.15 2.60 1.94
CA MET A 57 19.11 3.30 2.68
C MET A 57 17.74 2.84 2.16
N PRO A 58 17.22 1.73 2.71
CA PRO A 58 15.91 1.23 2.29
C PRO A 58 14.75 2.03 2.89
N ASP A 59 13.55 1.81 2.37
CA ASP A 59 12.33 2.22 3.05
C ASP A 59 11.68 0.98 3.59
N PHE A 60 10.88 1.16 4.63
CA PHE A 60 9.90 0.14 5.02
C PHE A 60 8.56 0.85 5.18
N ARG A 61 8.05 1.36 4.07
CA ARG A 61 6.82 2.11 4.06
C ARG A 61 5.69 1.24 4.59
N ASN A 62 5.55 0.08 3.96
CA ASN A 62 4.56 -0.90 4.36
C ASN A 62 5.19 -2.21 4.76
N TRP A 63 4.50 -2.99 5.59
CA TRP A 63 5.04 -4.27 6.03
C TRP A 63 3.94 -5.29 6.20
N GLN A 64 4.24 -6.51 5.80
CA GLN A 64 3.34 -7.65 6.00
C GLN A 64 3.99 -8.61 7.01
N LYS A 65 3.46 -8.66 8.23
CA LYS A 65 4.02 -9.52 9.27
C LYS A 65 3.70 -10.97 9.00
N GLU A 66 4.40 -11.88 9.67
CA GLU A 66 3.99 -13.28 9.69
C GLU A 66 2.53 -13.37 10.08
N GLY A 67 1.75 -14.10 9.29
CA GLY A 67 0.35 -14.28 9.61
C GLY A 67 -0.57 -13.23 9.00
N GLU A 68 0.00 -12.19 8.41
CA GLU A 68 -0.82 -11.15 7.78
C GLU A 68 -1.01 -11.41 6.29
N SER A 69 -2.09 -10.85 5.75
CA SER A 69 -2.53 -11.21 4.41
C SER A 69 -1.89 -10.32 3.32
N SER A 70 -1.52 -9.10 3.68
CA SER A 70 -0.91 -8.16 2.72
C SER A 70 -0.20 -7.05 3.49
N PRO A 71 0.70 -6.29 2.84
CA PRO A 71 1.42 -5.25 3.59
C PRO A 71 0.51 -4.12 4.06
N GLN A 72 0.79 -3.57 5.24
CA GLN A 72 0.09 -2.40 5.73
C GLN A 72 1.12 -1.41 6.20
N ALA A 73 0.69 -0.16 6.33
CA ALA A 73 1.55 0.92 6.79
C ALA A 73 2.31 0.52 8.06
N LEU A 74 3.61 0.74 8.05
CA LEU A 74 4.43 0.43 9.22
C LEU A 74 4.46 1.63 10.15
N THR A 75 3.62 1.64 11.19
CA THR A 75 3.59 2.78 12.09
C THR A 75 4.31 2.47 13.40
N LYS A 76 4.59 1.19 13.61
CA LYS A 76 5.21 0.74 14.86
C LYS A 76 6.25 -0.31 14.50
N MET A 77 7.40 -0.29 15.19
CA MET A 77 8.43 -1.28 14.94
C MET A 77 7.96 -2.69 15.31
N ASN A 78 8.43 -3.69 14.59
CA ASN A 78 8.24 -5.07 15.00
C ASN A 78 9.56 -5.82 14.89
N ASP A 79 9.59 -7.04 15.41
CA ASP A 79 10.87 -7.76 15.51
C ASP A 79 11.35 -8.25 14.15
N GLU A 80 10.45 -8.32 13.17
CA GLU A 80 10.84 -8.75 11.84
C GLU A 80 11.65 -7.68 11.14
N VAL A 81 11.12 -6.46 11.11
CA VAL A 81 11.87 -5.35 10.53
C VAL A 81 13.17 -5.13 11.34
N ALA A 82 13.06 -5.17 12.66
CA ALA A 82 14.27 -4.97 13.48
C ALA A 82 15.36 -5.99 13.13
N SER A 83 14.98 -7.25 12.90
CA SER A 83 15.94 -8.31 12.58
C SER A 83 16.68 -8.03 11.26
N LEU A 84 16.01 -7.37 10.32
CA LEU A 84 16.66 -7.01 9.06
C LEU A 84 17.64 -5.87 9.24
N VAL A 85 17.28 -4.89 10.07
CA VAL A 85 18.21 -3.82 10.40
C VAL A 85 19.45 -4.41 11.06
N LYS A 86 19.25 -5.37 11.97
CA LYS A 86 20.39 -6.00 12.67
C LYS A 86 21.23 -6.85 11.72
N LYS A 87 20.56 -7.51 10.80
CA LYS A 87 21.26 -8.41 9.88
C LYS A 87 22.10 -7.63 8.87
N TYR A 88 21.49 -6.65 8.21
CA TYR A 88 22.14 -5.95 7.11
C TYR A 88 22.83 -4.67 7.53
N GLN A 89 22.53 -4.19 8.73
CA GLN A 89 23.20 -2.99 9.30
C GLN A 89 23.16 -1.80 8.36
N PHE A 90 21.96 -1.43 7.92
CA PHE A 90 21.76 -0.30 7.03
C PHE A 90 22.35 0.97 7.62
N GLY A 91 22.78 1.85 6.72
CA GLY A 91 23.23 3.17 7.11
C GLY A 91 22.10 4.12 7.44
N GLY A 92 20.91 3.84 6.92
CA GLY A 92 19.76 4.70 7.17
C GLY A 92 18.47 4.12 6.67
N ILE A 93 17.36 4.80 6.97
CA ILE A 93 16.03 4.40 6.51
C ILE A 93 15.37 5.68 6.04
N ILE A 94 14.72 5.63 4.90
CA ILE A 94 13.85 6.73 4.51
C ILE A 94 12.40 6.44 4.96
N LEU A 95 11.78 7.45 5.57
CA LEU A 95 10.43 7.37 6.10
C LEU A 95 9.46 8.04 5.15
N PHE A 96 8.26 7.49 5.03
CA PHE A 96 7.18 8.09 4.22
C PHE A 96 5.98 8.44 5.08
N ALA A 97 4.96 9.07 4.50
CA ALA A 97 3.82 9.53 5.30
C ALA A 97 3.20 8.41 6.11
N GLU A 98 3.19 7.21 5.54
CA GLU A 98 2.66 6.03 6.23
C GLU A 98 3.30 5.78 7.58
N ASN A 99 4.57 6.19 7.70
CA ASN A 99 5.38 5.86 8.88
C ASN A 99 5.36 6.97 9.94
N VAL A 100 4.76 8.12 9.60
CA VAL A 100 4.90 9.31 10.47
C VAL A 100 3.54 10.02 10.63
N LYS A 101 2.50 9.23 10.81
CA LYS A 101 1.13 9.76 10.89
C LYS A 101 0.88 10.59 12.14
N THR A 102 1.46 10.19 13.27
CA THR A 102 1.29 10.98 14.47
C THR A 102 2.64 11.20 15.13
N THR A 103 2.73 12.30 15.86
CA THR A 103 3.95 12.69 16.54
C THR A 103 4.38 11.62 17.54
N LYS A 104 3.41 11.15 18.33
CA LYS A 104 3.70 10.15 19.36
C LYS A 104 4.25 8.87 18.74
N GLN A 105 3.56 8.38 17.71
CA GLN A 105 3.99 7.17 17.04
C GLN A 105 5.36 7.34 16.36
N THR A 106 5.61 8.51 15.80
CA THR A 106 6.87 8.78 15.11
C THR A 106 8.06 8.75 16.06
N VAL A 107 7.92 9.42 17.20
CA VAL A 107 9.01 9.42 18.18
C VAL A 107 9.30 7.99 18.63
N GLN A 108 8.24 7.22 18.89
CA GLN A 108 8.42 5.82 19.25
C GLN A 108 9.13 5.05 18.13
N LEU A 109 8.73 5.28 16.88
CA LEU A 109 9.34 4.56 15.76
C LEU A 109 10.81 4.90 15.56
N THR A 110 11.15 6.19 15.64
CA THR A 110 12.55 6.54 15.44
C THR A 110 13.42 6.04 16.61
N ASP A 111 12.91 6.10 17.83
CA ASP A 111 13.64 5.51 18.97
C ASP A 111 13.87 4.01 18.74
N ASP A 112 12.82 3.33 18.29
CA ASP A 112 12.90 1.89 18.06
C ASP A 112 13.84 1.54 16.92
N TYR A 113 13.83 2.33 15.84
CA TYR A 113 14.81 2.12 14.77
C TYR A 113 16.23 2.26 15.32
N GLN A 114 16.49 3.27 16.15
CA GLN A 114 17.84 3.48 16.67
C GLN A 114 18.23 2.37 17.64
N LYS A 115 17.25 1.84 18.38
CA LYS A 115 17.52 0.69 19.27
C LYS A 115 17.88 -0.57 18.47
N ALA A 116 17.29 -0.72 17.29
CA ALA A 116 17.55 -1.87 16.42
C ALA A 116 18.91 -1.79 15.74
N SER A 117 19.40 -0.58 15.51
CA SER A 117 20.65 -0.42 14.78
C SER A 117 21.78 -0.87 15.68
N PRO A 118 22.51 -1.91 15.26
CA PRO A 118 23.40 -2.60 16.21
C PRO A 118 24.69 -1.83 16.60
N LYS A 119 25.23 -1.01 15.69
CA LYS A 119 26.55 -0.43 15.92
C LYS A 119 26.66 1.08 15.68
N ILE A 120 26.02 1.54 14.61
CA ILE A 120 26.12 2.95 14.22
C ILE A 120 24.71 3.48 14.07
N PRO A 121 24.43 4.64 14.69
CA PRO A 121 23.07 5.21 14.57
C PRO A 121 22.71 5.46 13.11
N LEU A 122 21.42 5.28 12.81
CA LEU A 122 20.92 5.41 11.46
C LEU A 122 20.72 6.88 11.07
N MET A 123 20.94 7.18 9.80
CA MET A 123 20.31 8.36 9.21
C MET A 123 18.84 8.01 9.05
N LEU A 124 17.95 8.83 9.59
CA LEU A 124 16.54 8.62 9.39
C LEU A 124 16.07 9.82 8.58
N SER A 125 15.70 9.57 7.32
CA SER A 125 15.53 10.65 6.34
C SER A 125 14.07 10.73 5.91
N ILE A 126 13.72 11.84 5.27
CA ILE A 126 12.31 12.10 4.95
C ILE A 126 12.25 13.19 3.90
N ASP A 127 11.16 13.24 3.13
CA ASP A 127 10.94 14.36 2.19
C ASP A 127 10.02 15.41 2.79
N GLN A 128 10.49 16.12 3.80
CA GLN A 128 9.72 17.23 4.35
C GLN A 128 10.18 18.53 3.66
N GLU A 129 9.71 18.70 2.42
CA GLU A 129 10.05 19.87 1.61
C GLU A 129 9.27 21.10 2.01
N GLY A 130 8.01 20.90 2.41
CA GLY A 130 7.06 21.97 2.64
C GLY A 130 6.14 22.12 1.44
N GLY A 131 4.97 22.70 1.66
CA GLY A 131 4.05 22.91 0.56
C GLY A 131 3.44 21.62 0.07
N ILE A 132 3.60 21.35 -1.23
CA ILE A 132 2.93 20.20 -1.80
C ILE A 132 3.65 18.86 -1.54
N VAL A 133 4.87 18.91 -1.00
CA VAL A 133 5.53 17.68 -0.54
C VAL A 133 5.83 17.73 0.95
N THR A 134 4.97 17.11 1.74
CA THR A 134 5.23 16.95 3.17
C THR A 134 4.80 15.56 3.58
N ARG A 135 5.28 15.11 4.74
CA ARG A 135 4.99 13.75 5.19
C ARG A 135 4.40 13.70 6.61
N LEU A 136 4.82 14.64 7.46
CA LEU A 136 4.47 14.56 8.89
C LEU A 136 2.99 14.74 9.12
N GLY A 137 2.35 13.74 9.75
CA GLY A 137 0.91 13.80 9.95
C GLY A 137 0.45 14.99 10.76
N GLU A 138 1.25 15.43 11.73
CA GLU A 138 0.82 16.53 12.60
C GLU A 138 1.78 17.72 12.53
N GLY A 139 2.63 17.72 11.51
CA GLY A 139 3.64 18.74 11.37
C GLY A 139 3.09 19.97 10.66
N THR A 140 3.90 21.02 10.65
CA THR A 140 3.56 22.27 9.96
C THR A 140 3.90 22.14 8.49
N ASN A 141 2.91 22.35 7.62
CA ASN A 141 3.08 22.04 6.20
C ASN A 141 3.86 23.07 5.39
N PHE A 142 3.60 24.36 5.66
CA PHE A 142 4.20 25.49 4.94
C PHE A 142 3.66 25.61 3.51
N PRO A 143 3.83 26.81 2.91
CA PRO A 143 3.20 26.96 1.60
C PRO A 143 4.04 26.40 0.45
N GLY A 144 5.32 26.09 0.70
CA GLY A 144 6.12 25.44 -0.33
C GLY A 144 7.09 26.34 -1.06
N ASN A 145 7.95 25.74 -1.87
CA ASN A 145 9.04 26.49 -2.46
C ASN A 145 8.65 27.62 -3.42
N MET A 146 7.69 27.38 -4.31
CA MET A 146 7.38 28.47 -5.23
C MET A 146 6.72 29.63 -4.47
N ALA A 147 5.98 29.31 -3.44
CA ALA A 147 5.43 30.35 -2.57
C ALA A 147 6.57 31.15 -1.91
N LEU A 148 7.61 30.46 -1.46
CA LEU A 148 8.80 31.14 -0.92
C LEU A 148 9.43 32.01 -1.98
N GLY A 149 9.49 31.50 -3.21
CA GLY A 149 9.92 32.31 -4.34
C GLY A 149 9.12 33.60 -4.50
N ALA A 150 7.81 33.48 -4.40
CA ALA A 150 6.95 34.65 -4.58
C ALA A 150 7.17 35.68 -3.49
N ALA A 151 7.44 35.19 -2.28
CA ALA A 151 7.66 36.05 -1.14
C ALA A 151 9.02 36.70 -1.14
N ARG A 152 9.92 36.20 -1.97
CA ARG A 152 11.23 36.78 -2.26
C ARG A 152 12.32 36.67 -1.19
N SER A 153 12.03 37.13 0.01
CA SER A 153 13.05 37.24 1.05
C SER A 153 13.71 35.91 1.47
N ARG A 154 15.03 35.86 1.38
CA ARG A 154 15.71 34.62 1.68
C ARG A 154 15.57 34.22 3.14
N ILE A 155 15.42 35.20 4.02
CA ILE A 155 15.19 34.87 5.44
C ILE A 155 13.94 33.97 5.60
N ASN A 156 12.93 34.12 4.75
CA ASN A 156 11.75 33.25 4.87
C ASN A 156 12.10 31.77 4.68
N ALA A 157 13.03 31.50 3.77
CA ALA A 157 13.47 30.13 3.49
C ALA A 157 14.24 29.60 4.70
N TYR A 158 15.03 30.47 5.30
CA TYR A 158 15.77 30.11 6.51
C TYR A 158 14.76 29.75 7.61
N GLN A 159 13.72 30.55 7.77
CA GLN A 159 12.74 30.27 8.83
C GLN A 159 12.02 28.95 8.56
N THR A 160 11.70 28.70 7.29
CA THR A 160 11.07 27.44 6.91
C THR A 160 11.96 26.23 7.22
N GLY A 161 13.21 26.29 6.77
CA GLY A 161 14.17 25.23 7.07
C GLY A 161 14.37 25.04 8.57
N SER A 162 14.44 26.15 9.30
N SER A 162 14.45 26.15 9.29
CA SER A 162 14.64 26.08 10.74
CA SER A 162 14.65 26.10 10.74
C SER A 162 13.48 25.40 11.44
C SER A 162 13.48 25.43 11.46
N ILE A 163 12.26 25.82 11.13
CA ILE A 163 11.08 25.23 11.76
C ILE A 163 10.91 23.75 11.38
N ILE A 164 11.01 23.44 10.10
CA ILE A 164 10.99 22.05 9.67
C ILE A 164 12.08 21.28 10.41
N GLY A 165 13.27 21.86 10.47
CA GLY A 165 14.36 21.22 11.15
C GLY A 165 14.10 20.97 12.63
N LYS A 166 13.46 21.93 13.28
CA LYS A 166 13.15 21.80 14.71
C LYS A 166 12.13 20.66 14.89
N GLU A 167 11.16 20.60 13.99
CA GLU A 167 10.14 19.57 14.08
C GLU A 167 10.76 18.20 13.85
N LEU A 168 11.57 18.09 12.81
CA LEU A 168 12.24 16.83 12.52
C LEU A 168 13.12 16.40 13.70
N SER A 169 13.86 17.36 14.25
CA SER A 169 14.74 17.04 15.40
C SER A 169 13.97 16.45 16.57
N ALA A 170 12.85 17.10 16.92
CA ALA A 170 12.02 16.63 18.02
C ALA A 170 11.49 15.21 17.76
N LEU A 171 11.27 14.90 16.48
CA LEU A 171 10.73 13.59 16.12
C LEU A 171 11.79 12.51 16.02
N GLY A 172 13.07 12.88 16.14
CA GLY A 172 14.13 11.90 16.03
C GLY A 172 14.50 11.60 14.57
N ILE A 173 14.03 12.46 13.65
CA ILE A 173 14.40 12.38 12.22
C ILE A 173 15.61 13.29 12.03
N ASN A 174 16.66 12.82 11.36
CA ASN A 174 17.91 13.60 11.36
C ASN A 174 18.39 14.04 9.96
N THR A 175 17.60 13.72 8.93
CA THR A 175 18.00 14.01 7.55
C THR A 175 16.77 14.43 6.76
N ASP A 176 16.86 15.56 6.08
CA ASP A 176 15.75 16.03 5.22
C ASP A 176 16.24 16.08 3.78
N PHE A 177 15.50 15.44 2.87
CA PHE A 177 15.82 15.51 1.45
C PHE A 177 15.21 16.82 0.89
N SER A 178 15.85 17.91 1.26
CA SER A 178 15.43 19.27 0.90
C SER A 178 16.65 20.10 1.14
N PRO A 179 16.84 21.14 0.35
CA PRO A 179 15.94 21.73 -0.64
C PRO A 179 16.06 21.18 -2.06
N VAL A 180 14.92 21.20 -2.73
CA VAL A 180 14.87 21.15 -4.19
C VAL A 180 15.47 22.46 -4.71
N VAL A 181 16.55 22.38 -5.49
CA VAL A 181 17.16 23.56 -6.12
C VAL A 181 17.13 23.43 -7.62
N ASP A 182 16.26 22.56 -8.09
CA ASP A 182 15.86 22.54 -9.49
C ASP A 182 15.24 23.89 -9.83
N ILE A 183 15.49 24.36 -11.05
CA ILE A 183 14.98 25.64 -11.52
C ILE A 183 13.87 25.34 -12.51
N ASN A 184 12.63 25.72 -12.15
CA ASN A 184 11.48 25.34 -12.98
C ASN A 184 11.33 26.31 -14.15
N ASN A 185 12.21 26.19 -15.13
CA ASN A 185 12.16 27.09 -16.25
C ASN A 185 11.46 26.45 -17.46
N ASN A 186 11.01 25.21 -17.31
CA ASN A 186 10.07 24.61 -18.28
C ASN A 186 8.69 24.51 -17.61
N PRO A 187 7.76 25.38 -18.02
CA PRO A 187 6.42 25.44 -17.40
C PRO A 187 5.68 24.11 -17.43
N ASP A 188 6.07 23.23 -18.35
CA ASP A 188 5.38 21.96 -18.52
C ASP A 188 5.94 20.89 -17.60
N ASN A 189 6.91 21.26 -16.76
CA ASN A 189 7.49 20.28 -15.84
C ASN A 189 6.47 19.72 -14.85
N PRO A 190 6.16 18.41 -14.95
CA PRO A 190 5.08 17.78 -14.16
C PRO A 190 5.56 17.23 -12.82
N VAL A 191 6.87 17.21 -12.59
CA VAL A 191 7.37 16.62 -11.37
C VAL A 191 7.95 17.68 -10.44
N ILE A 192 8.45 18.80 -11.00
CA ILE A 192 8.99 19.86 -10.15
C ILE A 192 7.93 20.97 -9.89
N GLY A 193 7.71 21.88 -10.83
CA GLY A 193 6.62 22.85 -10.70
C GLY A 193 6.77 23.66 -9.39
N VAL A 194 5.73 23.68 -8.55
CA VAL A 194 5.79 24.52 -7.33
C VAL A 194 6.74 23.96 -6.28
N ARG A 195 7.34 22.80 -6.54
CA ARG A 195 8.45 22.35 -5.68
C ARG A 195 9.73 23.13 -5.91
N SER A 196 9.75 23.93 -6.98
CA SER A 196 10.89 24.80 -7.26
C SER A 196 10.63 26.21 -6.77
N PHE A 197 11.69 26.90 -6.33
CA PHE A 197 11.54 28.29 -5.90
C PHE A 197 11.18 29.20 -7.06
N SER A 198 11.74 28.94 -8.24
CA SER A 198 11.74 29.98 -9.25
C SER A 198 12.23 29.47 -10.60
N SER A 199 11.92 30.20 -11.65
CA SER A 199 12.55 29.93 -12.94
C SER A 199 13.88 30.70 -13.07
N ASN A 200 14.20 31.50 -12.04
CA ASN A 200 15.44 32.32 -12.06
C ASN A 200 16.54 31.69 -11.20
N ARG A 201 17.76 31.62 -11.73
CA ARG A 201 18.83 30.88 -11.04
C ARG A 201 19.24 31.54 -9.73
N GLU A 202 19.26 32.88 -9.68
CA GLU A 202 19.70 33.58 -8.48
C GLU A 202 18.69 33.42 -7.36
N LEU A 203 17.41 33.61 -7.67
CA LEU A 203 16.39 33.47 -6.63
C LEU A 203 16.38 32.04 -6.10
N THR A 204 16.48 31.07 -7.00
CA THR A 204 16.53 29.65 -6.60
C THR A 204 17.76 29.38 -5.74
N SER A 205 18.90 29.91 -6.16
CA SER A 205 20.13 29.67 -5.39
C SER A 205 20.03 30.26 -3.98
N ARG A 206 19.54 31.49 -3.88
CA ARG A 206 19.47 32.21 -2.60
C ARG A 206 18.53 31.50 -1.63
N LEU A 207 17.35 31.10 -2.10
CA LEU A 207 16.39 30.44 -1.23
C LEU A 207 16.81 29.02 -0.88
N GLY A 208 17.46 28.35 -1.82
CA GLY A 208 18.01 27.03 -1.54
C GLY A 208 19.09 27.07 -0.47
N LEU A 209 19.96 28.06 -0.60
CA LEU A 209 21.06 28.23 0.34
C LEU A 209 20.53 28.47 1.75
N TYR A 210 19.53 29.33 1.86
CA TYR A 210 18.98 29.66 3.19
C TYR A 210 18.12 28.52 3.76
N THR A 211 17.43 27.76 2.91
CA THR A 211 16.73 26.57 3.40
C THR A 211 17.72 25.60 4.02
N MET A 212 18.75 25.33 3.26
CA MET A 212 19.81 24.43 3.70
C MET A 212 20.42 24.90 5.04
N LYS A 213 20.73 26.19 5.16
CA LYS A 213 21.30 26.68 6.39
C LYS A 213 20.37 26.56 7.58
N GLY A 214 19.09 26.77 7.36
CA GLY A 214 18.11 26.62 8.42
C GLY A 214 18.02 25.19 8.93
N LEU A 215 17.99 24.25 8.01
CA LEU A 215 17.99 22.85 8.37
C LEU A 215 19.25 22.49 9.14
N GLN A 216 20.40 22.84 8.58
CA GLN A 216 21.64 22.47 9.22
C GLN A 216 21.82 23.06 10.62
N ARG A 217 21.26 24.23 10.86
CA ARG A 217 21.39 24.86 12.17
C ARG A 217 20.65 24.06 13.24
N GLN A 218 19.71 23.23 12.81
CA GLN A 218 18.98 22.39 13.72
C GLN A 218 19.57 20.98 13.77
N ASP A 219 20.77 20.86 13.24
CA ASP A 219 21.45 19.58 13.16
C ASP A 219 20.68 18.56 12.33
N ILE A 220 20.06 19.05 11.27
CA ILE A 220 19.44 18.18 10.27
C ILE A 220 20.34 18.17 9.04
N ALA A 221 20.72 16.97 8.59
CA ALA A 221 21.50 16.84 7.36
C ALA A 221 20.58 17.24 6.19
N SER A 222 21.08 18.10 5.31
CA SER A 222 20.25 18.64 4.22
C SER A 222 20.78 18.11 2.88
N ALA A 223 19.89 17.68 1.99
CA ALA A 223 20.31 17.22 0.68
C ALA A 223 19.77 18.14 -0.40
N LEU A 224 20.66 18.68 -1.22
CA LEU A 224 20.25 19.40 -2.43
C LEU A 224 19.71 18.41 -3.45
N LYS A 225 18.63 18.74 -4.13
CA LYS A 225 18.19 17.86 -5.21
C LYS A 225 17.57 18.66 -6.36
N HIS A 226 17.57 18.12 -7.59
CA HIS A 226 18.11 16.79 -7.92
C HIS A 226 19.23 16.97 -8.95
N PHE A 227 20.45 16.61 -8.60
CA PHE A 227 21.62 16.98 -9.39
C PHE A 227 21.76 16.13 -10.65
N PRO A 228 22.11 16.74 -11.81
CA PRO A 228 22.53 18.14 -11.98
C PRO A 228 21.45 19.12 -12.41
N GLY A 229 20.18 18.80 -12.17
CA GLY A 229 19.10 19.76 -12.32
C GLY A 229 17.94 19.22 -13.12
N HIS A 230 16.80 19.06 -12.44
CA HIS A 230 15.64 18.37 -13.01
C HIS A 230 14.59 19.36 -13.53
N GLY A 231 14.92 20.66 -13.52
CA GLY A 231 13.94 21.70 -13.81
C GLY A 231 13.46 21.80 -15.24
N ASP A 232 14.30 21.40 -16.19
CA ASP A 232 13.92 21.58 -17.60
C ASP A 232 13.40 20.28 -18.24
N THR A 233 12.78 19.41 -17.44
CA THR A 233 12.17 18.20 -18.00
C THR A 233 10.64 18.38 -18.14
N ASP A 234 10.05 17.80 -19.17
CA ASP A 234 8.59 17.74 -19.21
C ASP A 234 8.09 16.31 -19.01
N VAL A 235 9.03 15.46 -18.62
CA VAL A 235 8.74 14.08 -18.28
C VAL A 235 9.08 13.87 -16.81
N ASP A 236 8.18 13.16 -16.13
CA ASP A 236 8.39 12.74 -14.75
C ASP A 236 9.33 11.52 -14.71
N SER A 237 10.44 11.61 -13.96
CA SER A 237 11.33 10.45 -13.82
C SER A 237 10.67 9.29 -13.04
N HIS A 238 9.49 9.52 -12.49
CA HIS A 238 8.70 8.46 -11.84
C HIS A 238 8.12 7.51 -12.87
N TYR A 239 7.91 7.99 -14.09
CA TYR A 239 7.19 7.21 -15.10
C TYR A 239 7.98 6.94 -16.39
N GLY A 240 9.12 7.60 -16.55
CA GLY A 240 9.92 7.42 -17.75
C GLY A 240 11.25 8.13 -17.56
N LEU A 241 12.20 7.88 -18.45
CA LEU A 241 13.54 8.47 -18.34
C LEU A 241 13.65 9.75 -19.16
N PRO A 242 13.69 10.91 -18.48
CA PRO A 242 13.74 12.23 -19.12
C PRO A 242 15.12 12.53 -19.72
N LEU A 243 15.12 13.36 -20.74
CA LEU A 243 16.33 13.80 -21.42
C LEU A 243 16.44 15.32 -21.36
N VAL A 244 17.60 15.82 -20.99
CA VAL A 244 17.86 17.25 -21.08
C VAL A 244 18.98 17.43 -22.10
N SER A 245 18.67 18.14 -23.18
CA SER A 245 19.57 18.16 -24.33
C SER A 245 20.43 19.40 -24.39
N HIS A 246 20.33 20.25 -23.38
CA HIS A 246 21.11 21.48 -23.37
C HIS A 246 22.61 21.21 -23.34
N GLY A 247 23.37 22.13 -23.93
CA GLY A 247 24.82 22.07 -23.94
C GLY A 247 25.44 22.47 -22.61
N GLN A 248 26.75 22.25 -22.51
CA GLN A 248 27.46 22.43 -21.25
C GLN A 248 27.43 23.86 -20.75
N GLU A 249 27.53 24.81 -21.67
CA GLU A 249 27.51 26.22 -21.31
C GLU A 249 26.21 26.61 -20.61
N ARG A 250 25.08 26.21 -21.19
CA ARG A 250 23.77 26.44 -20.56
C ARG A 250 23.65 25.71 -19.23
N LEU A 251 24.06 24.46 -19.18
CA LEU A 251 23.93 23.67 -17.97
C LEU A 251 24.75 24.31 -16.85
N ARG A 252 25.96 24.79 -17.17
CA ARG A 252 26.78 25.44 -16.17
C ARG A 252 26.19 26.76 -15.71
N GLU A 253 25.62 27.49 -16.65
CA GLU A 253 25.09 28.83 -16.35
C GLU A 253 23.81 28.75 -15.56
N VAL A 254 22.99 27.74 -15.81
CA VAL A 254 21.68 27.70 -15.20
C VAL A 254 21.53 26.55 -14.21
N GLU A 255 21.37 25.33 -14.72
CA GLU A 255 21.13 24.15 -13.91
C GLU A 255 22.12 23.99 -12.74
N LEU A 256 23.40 24.15 -13.02
CA LEU A 256 24.41 23.86 -11.99
C LEU A 256 24.54 24.97 -10.98
N TYR A 257 24.08 26.16 -11.34
CA TYR A 257 24.37 27.35 -10.51
C TYR A 257 23.95 27.24 -9.04
N PRO A 258 22.68 26.88 -8.75
CA PRO A 258 22.32 26.83 -7.33
C PRO A 258 23.02 25.70 -6.59
N PHE A 259 23.35 24.61 -7.28
CA PHE A 259 24.12 23.53 -6.66
C PHE A 259 25.52 24.04 -6.27
N GLN A 260 26.20 24.74 -7.17
CA GLN A 260 27.54 25.24 -6.87
C GLN A 260 27.53 26.17 -5.64
N LYS A 261 26.56 27.08 -5.58
CA LYS A 261 26.51 28.04 -4.46
C LYS A 261 26.31 27.34 -3.12
N ALA A 262 25.40 26.36 -3.10
CA ALA A 262 25.12 25.64 -1.86
C ALA A 262 26.23 24.67 -1.51
N ILE A 263 26.86 24.07 -2.54
CA ILE A 263 28.04 23.24 -2.28
C ILE A 263 29.15 24.07 -1.65
N ASP A 264 29.42 25.24 -2.22
CA ASP A 264 30.46 26.11 -1.67
C ASP A 264 30.18 26.56 -0.24
N ALA A 265 28.91 26.61 0.10
CA ALA A 265 28.46 27.05 1.42
C ALA A 265 28.25 25.91 2.41
N GLY A 266 28.62 24.69 2.02
CA GLY A 266 28.65 23.59 2.96
C GLY A 266 27.49 22.62 2.98
N ALA A 267 26.90 22.39 1.82
CA ALA A 267 25.89 21.35 1.68
C ALA A 267 26.38 20.00 2.17
N ASP A 268 25.51 19.28 2.87
CA ASP A 268 25.85 17.99 3.47
C ASP A 268 25.78 16.86 2.45
N MET A 269 24.74 16.92 1.61
CA MET A 269 24.42 15.82 0.73
C MET A 269 23.88 16.38 -0.57
N VAL A 270 23.97 15.59 -1.62
CA VAL A 270 23.37 15.94 -2.92
C VAL A 270 22.67 14.69 -3.43
N MET A 271 21.40 14.80 -3.82
CA MET A 271 20.64 13.70 -4.38
C MET A 271 20.69 13.83 -5.90
N THR A 272 20.84 12.70 -6.57
CA THR A 272 20.93 12.70 -8.02
C THR A 272 19.58 12.84 -8.70
N ALA A 273 19.64 13.09 -10.02
CA ALA A 273 18.47 13.02 -10.88
C ALA A 273 18.60 11.83 -11.81
N HIS A 274 17.52 11.06 -11.97
CA HIS A 274 17.53 9.97 -12.96
C HIS A 274 17.18 10.58 -14.30
N VAL A 275 18.08 11.37 -14.86
CA VAL A 275 17.77 12.15 -16.05
C VAL A 275 19.01 12.10 -16.94
N GLN A 276 18.80 12.05 -18.24
CA GLN A 276 19.90 11.96 -19.18
C GLN A 276 20.44 13.35 -19.54
N PHE A 277 21.76 13.50 -19.49
CA PHE A 277 22.40 14.75 -19.91
C PHE A 277 23.55 14.43 -20.87
N PRO A 278 23.23 14.22 -22.14
CA PRO A 278 24.26 13.79 -23.09
C PRO A 278 25.41 14.77 -23.24
N ALA A 279 25.21 16.04 -22.93
CA ALA A 279 26.30 17.03 -23.02
C ALA A 279 27.37 16.70 -21.98
N PHE A 280 26.95 16.12 -20.86
CA PHE A 280 27.91 15.69 -19.82
C PHE A 280 28.41 14.25 -20.02
N ASP A 281 27.52 13.36 -20.44
CA ASP A 281 27.84 11.95 -20.63
C ASP A 281 26.90 11.29 -21.64
N ASP A 282 27.42 10.93 -22.81
CA ASP A 282 26.61 10.29 -23.85
C ASP A 282 26.83 8.77 -23.88
N THR A 283 27.35 8.21 -22.79
CA THR A 283 27.49 6.75 -22.71
C THR A 283 26.11 6.09 -22.81
N THR A 284 26.03 5.00 -23.56
CA THR A 284 24.76 4.29 -23.67
C THR A 284 24.86 2.87 -23.15
N TYR A 285 23.71 2.32 -22.76
CA TYR A 285 23.59 0.94 -22.30
C TYR A 285 22.40 0.31 -23.00
N LYS A 286 22.42 -1.02 -23.12
CA LYS A 286 21.30 -1.76 -23.69
C LYS A 286 20.20 -1.93 -22.65
N SER A 287 19.04 -1.32 -22.92
CA SER A 287 17.89 -1.38 -22.01
C SER A 287 17.42 -2.80 -21.77
N LYS A 288 17.07 -3.11 -20.52
CA LYS A 288 16.59 -4.44 -20.17
C LYS A 288 15.11 -4.59 -20.51
N LEU A 289 14.48 -3.47 -20.86
CA LEU A 289 13.08 -3.47 -21.27
C LEU A 289 12.95 -3.92 -22.72
N ASP A 290 13.38 -3.07 -23.64
CA ASP A 290 13.21 -3.32 -25.06
C ASP A 290 14.51 -3.67 -25.81
N GLY A 291 15.62 -3.74 -25.09
CA GLY A 291 16.88 -4.13 -25.72
C GLY A 291 17.54 -3.00 -26.49
N SER A 292 16.87 -1.85 -26.53
CA SER A 292 17.38 -0.68 -27.25
C SER A 292 18.48 0.05 -26.48
N ASP A 293 19.19 0.93 -27.18
CA ASP A 293 20.24 1.74 -26.57
C ASP A 293 19.66 2.94 -25.81
N ILE A 294 20.02 3.09 -24.55
CA ILE A 294 19.58 4.28 -23.85
C ILE A 294 20.73 5.04 -23.21
N LEU A 295 20.64 6.36 -23.28
CA LEU A 295 21.63 7.21 -22.65
C LEU A 295 21.61 6.98 -21.14
N VAL A 296 22.80 6.97 -20.56
CA VAL A 296 22.92 6.77 -19.13
C VAL A 296 22.23 7.88 -18.35
N PRO A 297 21.41 7.52 -17.35
CA PRO A 297 20.88 8.55 -16.43
C PRO A 297 22.00 9.09 -15.53
N ALA A 298 21.91 10.35 -15.12
CA ALA A 298 23.00 10.97 -14.32
C ALA A 298 23.38 10.13 -13.11
N THR A 299 22.40 9.56 -12.44
CA THR A 299 22.61 8.71 -11.28
C THR A 299 23.65 7.63 -11.53
N LEU A 300 23.70 7.12 -12.75
CA LEU A 300 24.61 6.01 -13.03
C LEU A 300 25.85 6.41 -13.83
N SER A 301 26.07 7.72 -13.98
CA SER A 301 27.18 8.27 -14.79
C SER A 301 28.38 8.66 -13.93
N LYS A 302 29.53 8.03 -14.17
CA LYS A 302 30.76 8.39 -13.47
C LYS A 302 31.23 9.79 -13.86
N LYS A 303 31.04 10.14 -15.14
CA LYS A 303 31.40 11.48 -15.58
C LYS A 303 30.63 12.55 -14.82
N VAL A 304 29.35 12.31 -14.59
CA VAL A 304 28.54 13.29 -13.87
C VAL A 304 28.77 13.28 -12.36
N MET A 305 28.77 12.10 -11.76
CA MET A 305 28.81 12.02 -10.29
C MET A 305 30.26 12.17 -9.77
N THR A 306 31.24 11.59 -10.45
CA THR A 306 32.65 11.75 -10.03
C THR A 306 33.32 12.92 -10.77
N GLY A 307 33.30 12.89 -12.11
CA GLY A 307 33.96 13.94 -12.88
C GLY A 307 33.45 15.34 -12.60
N LEU A 308 32.13 15.51 -12.58
CA LEU A 308 31.55 16.84 -12.44
C LEU A 308 31.29 17.18 -10.98
N LEU A 309 30.49 16.36 -10.28
CA LEU A 309 30.05 16.73 -8.94
C LEU A 309 31.22 16.68 -7.95
N ARG A 310 31.90 15.55 -7.90
CA ARG A 310 33.03 15.35 -7.00
C ARG A 310 34.25 16.24 -7.37
N GLN A 311 34.71 16.16 -8.62
CA GLN A 311 35.98 16.78 -9.00
C GLN A 311 35.81 18.25 -9.44
N GLU A 312 35.07 18.50 -10.51
CA GLU A 312 34.94 19.87 -10.99
C GLU A 312 34.31 20.82 -9.97
N MET A 313 33.22 20.37 -9.35
CA MET A 313 32.46 21.22 -8.47
C MET A 313 32.93 21.13 -7.02
N GLY A 314 33.80 20.15 -6.74
CA GLY A 314 34.44 20.04 -5.45
C GLY A 314 33.54 19.60 -4.30
N PHE A 315 32.46 18.86 -4.61
CA PHE A 315 31.60 18.37 -3.54
C PHE A 315 32.20 17.12 -2.90
N ASN A 316 32.52 17.19 -1.62
CA ASN A 316 33.05 16.00 -0.96
C ASN A 316 32.11 15.47 0.11
N GLY A 317 30.85 15.92 0.09
CA GLY A 317 29.84 15.39 1.00
C GLY A 317 29.22 14.12 0.45
N VAL A 318 28.08 13.74 1.03
CA VAL A 318 27.46 12.47 0.70
C VAL A 318 26.59 12.61 -0.55
N ILE A 319 26.87 11.77 -1.55
CA ILE A 319 26.04 11.71 -2.77
C ILE A 319 25.04 10.58 -2.58
N VAL A 320 23.74 10.86 -2.69
CA VAL A 320 22.71 9.83 -2.48
C VAL A 320 21.93 9.69 -3.79
N THR A 321 21.61 8.45 -4.18
CA THR A 321 20.83 8.29 -5.42
C THR A 321 19.42 8.81 -5.18
N ASN A 322 18.77 9.28 -6.25
CA ASN A 322 17.32 9.35 -6.24
C ASN A 322 16.81 7.93 -6.01
N ALA A 323 15.54 7.79 -5.67
CA ALA A 323 14.99 6.49 -5.30
C ALA A 323 15.16 5.47 -6.43
N LEU A 324 15.75 4.31 -6.14
CA LEU A 324 16.10 3.38 -7.21
C LEU A 324 14.93 2.53 -7.68
N ASN A 325 13.78 2.69 -7.05
CA ASN A 325 12.58 1.98 -7.50
C ASN A 325 11.84 2.69 -8.64
N MET A 326 12.25 3.91 -8.97
CA MET A 326 11.62 4.73 -10.01
CA MET A 326 11.55 4.66 -10.01
C MET A 326 11.78 4.12 -11.41
N LYS A 327 10.74 4.27 -12.24
CA LYS A 327 10.73 3.73 -13.60
C LYS A 327 11.90 4.19 -14.48
N ALA A 328 12.38 5.42 -14.25
CA ALA A 328 13.52 5.94 -15.00
C ALA A 328 14.75 5.03 -14.88
N ILE A 329 14.85 4.29 -13.77
CA ILE A 329 15.90 3.30 -13.56
C ILE A 329 15.43 1.85 -13.71
N ALA A 330 14.33 1.52 -13.05
CA ALA A 330 13.91 0.14 -12.91
C ALA A 330 13.44 -0.47 -14.24
N ASP A 331 12.93 0.38 -15.14
CA ASP A 331 12.55 -0.10 -16.48
C ASP A 331 13.73 -0.67 -17.28
N HIS A 332 14.93 -0.10 -17.09
CA HIS A 332 16.02 -0.29 -18.05
C HIS A 332 17.26 -1.00 -17.47
N PHE A 333 17.39 -0.94 -16.15
CA PHE A 333 18.52 -1.55 -15.46
C PHE A 333 17.97 -2.49 -14.39
N GLY A 334 18.66 -3.59 -14.16
CA GLY A 334 18.27 -4.53 -13.14
C GLY A 334 18.42 -3.91 -11.75
N GLN A 335 17.82 -4.56 -10.75
CA GLN A 335 17.81 -4.07 -9.37
C GLN A 335 19.20 -4.06 -8.76
N GLU A 336 19.84 -5.22 -8.73
CA GLU A 336 21.20 -5.31 -8.23
C GLU A 336 22.12 -4.44 -9.10
N GLU A 337 21.94 -4.56 -10.40
CA GLU A 337 22.78 -3.84 -11.36
C GLU A 337 22.80 -2.33 -11.17
N ALA A 338 21.62 -1.74 -10.94
CA ALA A 338 21.54 -0.29 -10.77
C ALA A 338 22.33 0.17 -9.55
N VAL A 339 22.28 -0.62 -8.49
CA VAL A 339 22.99 -0.25 -7.27
C VAL A 339 24.49 -0.30 -7.53
N VAL A 340 24.95 -1.36 -8.17
CA VAL A 340 26.37 -1.49 -8.50
C VAL A 340 26.83 -0.37 -9.43
N MET A 341 26.03 -0.08 -10.45
CA MET A 341 26.37 1.02 -11.37
C MET A 341 26.40 2.35 -10.69
N ALA A 342 25.46 2.57 -9.74
CA ALA A 342 25.43 3.85 -9.02
C ALA A 342 26.70 4.01 -8.20
N VAL A 343 27.09 2.94 -7.51
CA VAL A 343 28.31 3.01 -6.69
C VAL A 343 29.57 3.18 -7.56
N LYS A 344 29.63 2.45 -8.69
CA LYS A 344 30.73 2.65 -9.63
C LYS A 344 30.82 4.10 -10.11
N ALA A 345 29.66 4.75 -10.24
CA ALA A 345 29.63 6.14 -10.72
C ALA A 345 30.15 7.08 -9.66
N GLY A 346 30.12 6.64 -8.40
CA GLY A 346 30.65 7.45 -7.32
C GLY A 346 29.68 7.80 -6.20
N VAL A 347 28.44 7.29 -6.24
CA VAL A 347 27.51 7.63 -5.17
C VAL A 347 27.92 6.92 -3.87
N ASP A 348 27.56 7.54 -2.74
CA ASP A 348 27.89 7.00 -1.43
C ASP A 348 26.72 6.20 -0.83
N ILE A 349 25.48 6.62 -1.14
CA ILE A 349 24.29 5.94 -0.60
C ILE A 349 23.33 5.57 -1.72
N ALA A 350 22.94 4.29 -1.73
CA ALA A 350 21.88 3.83 -2.63
C ALA A 350 20.54 3.90 -1.91
N LEU A 351 19.67 4.82 -2.36
CA LEU A 351 18.35 5.04 -1.78
C LEU A 351 17.34 4.06 -2.35
N MET A 352 16.66 3.34 -1.43
CA MET A 352 15.62 2.40 -1.81
C MET A 352 16.11 1.39 -2.86
N PRO A 353 17.16 0.63 -2.50
CA PRO A 353 17.79 -0.26 -3.47
C PRO A 353 16.93 -1.47 -3.81
N ALA A 354 15.99 -1.82 -2.93
CA ALA A 354 15.08 -2.94 -3.16
C ALA A 354 13.87 -2.77 -2.24
N SER A 355 12.72 -3.28 -2.69
CA SER A 355 11.49 -3.18 -1.91
C SER A 355 11.21 -4.52 -1.25
N VAL A 356 11.33 -4.52 0.08
CA VAL A 356 11.11 -5.71 0.87
C VAL A 356 9.97 -5.41 1.83
N THR A 357 8.85 -6.13 1.65
CA THR A 357 7.66 -5.87 2.45
C THR A 357 7.27 -7.03 3.35
N SER A 358 8.09 -8.08 3.35
CA SER A 358 7.90 -9.18 4.29
C SER A 358 9.21 -9.92 4.40
N LEU A 359 9.33 -10.77 5.41
CA LEU A 359 10.54 -11.56 5.60
C LEU A 359 10.76 -12.52 4.43
N LYS A 360 9.69 -12.87 3.72
CA LYS A 360 9.82 -13.76 2.57
C LYS A 360 10.62 -13.14 1.42
N GLU A 361 10.82 -11.82 1.46
CA GLU A 361 11.53 -11.08 0.40
C GLU A 361 12.93 -10.60 0.83
N GLU A 362 13.38 -11.00 2.02
CA GLU A 362 14.56 -10.35 2.61
C GLU A 362 15.87 -10.64 1.86
N GLN A 363 15.89 -11.71 1.07
CA GLN A 363 17.09 -12.05 0.31
C GLN A 363 17.39 -11.01 -0.80
N LYS A 364 16.41 -10.18 -1.12
CA LYS A 364 16.64 -9.07 -2.03
C LYS A 364 17.80 -8.21 -1.52
N PHE A 365 17.86 -7.98 -0.22
CA PHE A 365 18.95 -7.21 0.36
C PHE A 365 20.25 -7.99 0.25
N ALA A 366 20.20 -9.30 0.55
CA ALA A 366 21.41 -10.13 0.46
C ALA A 366 21.96 -10.12 -0.98
N ARG A 367 21.07 -10.13 -1.97
CA ARG A 367 21.53 -10.14 -3.36
C ARG A 367 22.18 -8.82 -3.79
N VAL A 368 21.67 -7.71 -3.27
CA VAL A 368 22.28 -6.41 -3.54
C VAL A 368 23.68 -6.37 -2.92
N ILE A 369 23.80 -6.81 -1.68
CA ILE A 369 25.10 -6.83 -0.98
C ILE A 369 26.09 -7.73 -1.71
N GLN A 370 25.65 -8.92 -2.11
CA GLN A 370 26.54 -9.86 -2.79
C GLN A 370 27.02 -9.29 -4.14
N ALA A 371 26.13 -8.57 -4.83
CA ALA A 371 26.51 -7.98 -6.11
C ALA A 371 27.56 -6.90 -5.91
N LEU A 372 27.42 -6.13 -4.84
CA LEU A 372 28.45 -5.15 -4.50
C LEU A 372 29.75 -5.84 -4.10
N LYS A 373 29.66 -6.92 -3.33
CA LYS A 373 30.86 -7.65 -2.93
C LYS A 373 31.65 -8.18 -4.12
N GLU A 374 30.94 -8.73 -5.10
CA GLU A 374 31.59 -9.29 -6.29
C GLU A 374 32.30 -8.19 -7.07
N ALA A 375 31.70 -7.01 -7.10
CA ALA A 375 32.28 -5.87 -7.79
C ALA A 375 33.56 -5.41 -7.09
N VAL A 376 33.56 -5.50 -5.76
CA VAL A 376 34.75 -5.15 -4.99
C VAL A 376 35.83 -6.23 -5.15
N LYS A 377 35.41 -7.49 -5.09
CA LYS A 377 36.35 -8.60 -5.17
C LYS A 377 37.05 -8.68 -6.51
N ASN A 378 36.35 -8.24 -7.55
CA ASN A 378 36.91 -8.24 -8.91
C ASN A 378 37.63 -6.94 -9.25
N GLY A 379 37.55 -5.96 -8.36
CA GLY A 379 38.29 -4.72 -8.52
C GLY A 379 37.53 -3.65 -9.30
N ASP A 380 36.34 -4.00 -9.80
CA ASP A 380 35.50 -3.05 -10.52
C ASP A 380 35.13 -1.87 -9.65
N ILE A 381 35.00 -2.12 -8.35
CA ILE A 381 34.89 -1.07 -7.36
C ILE A 381 35.99 -1.29 -6.34
N PRO A 382 37.03 -0.46 -6.37
CA PRO A 382 38.14 -0.66 -5.43
C PRO A 382 37.65 -0.55 -3.99
N GLU A 383 38.14 -1.40 -3.08
CA GLU A 383 37.66 -1.33 -1.70
C GLU A 383 37.91 0.05 -1.09
N GLN A 384 38.97 0.72 -1.54
CA GLN A 384 39.27 2.07 -1.05
C GLN A 384 38.17 3.07 -1.40
N GLN A 385 37.50 2.87 -2.53
CA GLN A 385 36.38 3.75 -2.87
C GLN A 385 35.23 3.55 -1.89
N ILE A 386 34.99 2.29 -1.50
CA ILE A 386 33.98 1.95 -0.50
C ILE A 386 34.36 2.62 0.82
N ASN A 387 35.62 2.51 1.22
CA ASN A 387 36.10 3.13 2.45
C ASN A 387 35.84 4.63 2.43
N ASN A 388 36.15 5.29 1.31
CA ASN A 388 35.99 6.73 1.23
C ASN A 388 34.53 7.11 1.36
N SER A 389 33.65 6.33 0.71
CA SER A 389 32.23 6.61 0.80
C SER A 389 31.69 6.45 2.22
N VAL A 390 32.06 5.36 2.88
CA VAL A 390 31.60 5.14 4.24
C VAL A 390 32.16 6.20 5.20
N GLU A 391 33.41 6.63 4.96
CA GLU A 391 33.97 7.76 5.74
C GLU A 391 33.14 9.04 5.57
N ARG A 392 32.64 9.30 4.36
CA ARG A 392 31.76 10.45 4.18
C ARG A 392 30.47 10.31 4.98
N ILE A 393 29.91 9.10 4.98
CA ILE A 393 28.66 8.86 5.67
C ILE A 393 28.88 9.01 7.18
N ILE A 394 29.93 8.37 7.68
CA ILE A 394 30.24 8.46 9.12
C ILE A 394 30.54 9.87 9.55
N SER A 395 31.31 10.58 8.73
CA SER A 395 31.67 11.95 9.02
C SER A 395 30.41 12.84 9.12
N LEU A 396 29.50 12.65 8.19
CA LEU A 396 28.24 13.40 8.23
C LEU A 396 27.47 13.06 9.51
N LYS A 397 27.43 11.79 9.90
CA LYS A 397 26.75 11.39 11.14
C LYS A 397 27.35 12.05 12.36
N ILE A 398 28.68 12.18 12.37
CA ILE A 398 29.33 12.85 13.50
C ILE A 398 29.04 14.36 13.43
N LYS A 399 29.15 14.94 12.23
CA LYS A 399 29.02 16.39 12.05
C LYS A 399 27.66 16.91 12.52
N ARG A 400 26.61 16.14 12.24
CA ARG A 400 25.25 16.55 12.57
C ARG A 400 24.75 15.97 13.89
N GLY A 401 25.66 15.39 14.66
CA GLY A 401 25.33 14.93 16.00
C GLY A 401 24.40 13.73 16.02
N MET A 402 24.49 12.89 15.00
CA MET A 402 23.75 11.63 15.00
C MET A 402 24.56 10.58 15.74
N TYR A 403 25.88 10.75 15.74
CA TYR A 403 26.83 9.73 16.19
C TYR A 403 27.92 10.42 16.99
N PRO A 404 28.00 10.17 18.31
CA PRO A 404 27.11 9.32 19.13
C PRO A 404 25.76 9.96 19.42
N ALA A 405 24.81 9.16 19.89
CA ALA A 405 23.49 9.69 20.20
C ALA A 405 23.58 10.80 21.26
N ARG A 406 22.81 11.87 21.08
CA ARG A 406 22.92 13.07 21.92
C ARG A 406 21.89 13.13 23.04
N ASN A 407 20.75 12.48 22.83
CA ASN A 407 19.59 12.65 23.70
C ASN A 407 19.39 11.47 24.65
N SER A 408 19.49 11.73 25.95
CA SER A 408 19.40 10.68 26.96
C SER A 408 18.01 10.59 27.59
N ASP A 409 17.07 11.39 27.08
CA ASP A 409 15.70 11.35 27.59
C ASP A 409 15.06 10.00 27.32
N SER A 410 14.08 9.61 28.15
CA SER A 410 13.27 8.45 27.86
C SER A 410 12.39 8.74 26.65
N THR A 411 11.84 7.69 26.05
CA THR A 411 10.91 7.86 24.92
C THR A 411 9.68 8.66 25.36
N LYS A 412 9.20 8.39 26.57
CA LYS A 412 8.04 9.13 27.10
C LYS A 412 8.37 10.61 27.17
N GLU A 413 9.57 10.94 27.63
CA GLU A 413 10.02 12.33 27.68
C GLU A 413 10.13 12.96 26.31
N LYS A 414 10.71 12.22 25.37
CA LYS A 414 10.84 12.70 23.99
C LYS A 414 9.48 12.97 23.36
N ILE A 415 8.52 12.08 23.63
CA ILE A 415 7.16 12.23 23.10
C ILE A 415 6.51 13.52 23.62
N ALA A 416 6.59 13.74 24.92
CA ALA A 416 5.98 14.91 25.54
C ALA A 416 6.57 16.20 24.94
N LYS A 417 7.89 16.22 24.79
CA LYS A 417 8.57 17.38 24.23
C LYS A 417 8.17 17.62 22.77
N ALA A 418 8.10 16.54 22.00
CA ALA A 418 7.76 16.68 20.59
C ALA A 418 6.33 17.16 20.41
N LYS A 419 5.44 16.74 21.31
CA LYS A 419 4.04 17.14 21.18
C LYS A 419 3.86 18.64 21.41
N LYS A 420 4.83 19.27 22.08
CA LYS A 420 4.77 20.72 22.31
C LYS A 420 5.45 21.51 21.17
N ILE A 421 6.20 20.81 20.32
CA ILE A 421 6.99 21.45 19.27
C ILE A 421 6.39 21.27 17.88
N VAL A 422 6.01 20.04 17.56
CA VAL A 422 5.56 19.72 16.21
C VAL A 422 4.12 20.22 15.99
N GLY A 423 3.94 21.08 14.99
CA GLY A 423 2.65 21.70 14.72
C GLY A 423 2.24 22.72 15.76
N SER A 424 3.22 23.23 16.49
CA SER A 424 2.97 24.18 17.60
C SER A 424 2.34 25.47 17.11
N LYS A 425 1.67 26.17 18.01
CA LYS A 425 1.04 27.45 17.67
C LYS A 425 2.03 28.44 17.06
N GLN A 426 3.24 28.51 17.60
CA GLN A 426 4.25 29.43 17.05
C GLN A 426 4.57 29.07 15.59
N HIS A 427 4.66 27.78 15.31
CA HIS A 427 4.97 27.33 13.96
C HIS A 427 3.79 27.61 13.01
N LEU A 428 2.58 27.40 13.51
CA LEU A 428 1.38 27.71 12.72
C LEU A 428 1.30 29.20 12.38
N LYS A 429 1.65 30.03 13.36
CA LYS A 429 1.66 31.47 13.14
C LYS A 429 2.65 31.86 12.01
N ALA A 430 3.83 31.25 12.02
CA ALA A 430 4.84 31.53 11.01
C ALA A 430 4.39 31.06 9.64
N GLU A 431 3.77 29.88 9.61
CA GLU A 431 3.27 29.31 8.38
C GLU A 431 2.23 30.22 7.74
N LYS A 432 1.34 30.74 8.58
CA LYS A 432 0.26 31.61 8.12
C LYS A 432 0.85 32.89 7.51
N LYS A 433 1.80 33.51 8.21
CA LYS A 433 2.43 34.71 7.69
C LYS A 433 3.11 34.48 6.35
N LEU A 434 3.82 33.37 6.23
CA LEU A 434 4.52 33.11 4.99
C LEU A 434 3.54 32.86 3.85
N ALA A 435 2.48 32.09 4.13
CA ALA A 435 1.52 31.76 3.08
C ALA A 435 0.81 33.04 2.62
N GLU A 436 0.53 33.92 3.57
CA GLU A 436 -0.16 35.18 3.22
C GLU A 436 0.76 36.12 2.43
N LYS A 437 2.03 36.18 2.80
CA LYS A 437 2.97 37.02 2.05
C LYS A 437 3.07 36.55 0.61
N ALA A 438 2.99 35.25 0.43
CA ALA A 438 3.27 34.68 -0.87
C ALA A 438 2.16 34.91 -1.88
N VAL A 439 0.93 35.11 -1.39
CA VAL A 439 -0.21 35.30 -2.31
C VAL A 439 0.16 36.38 -3.32
N THR A 440 -0.06 36.11 -4.60
CA THR A 440 0.40 37.01 -5.65
C THR A 440 -0.82 37.50 -6.39
N VAL A 441 -1.03 38.81 -6.34
CA VAL A 441 -2.19 39.39 -7.03
C VAL A 441 -1.80 39.76 -8.44
N LEU A 442 -2.49 39.19 -9.42
CA LEU A 442 -2.12 39.46 -10.80
C LEU A 442 -3.07 40.46 -11.48
N LYS A 443 -4.33 40.46 -11.08
CA LYS A 443 -5.30 41.42 -11.60
C LYS A 443 -6.22 41.79 -10.47
N ASN A 444 -6.56 43.07 -10.38
CA ASN A 444 -7.64 43.54 -9.52
C ASN A 444 -8.21 44.82 -10.05
N GLU A 445 -9.08 44.69 -11.04
CA GLU A 445 -9.63 45.86 -11.69
C GLU A 445 -10.80 46.45 -10.91
N GLN A 446 -10.85 47.78 -10.88
CA GLN A 446 -11.92 48.54 -10.24
C GLN A 446 -12.25 48.02 -8.83
N HIS A 447 -11.21 47.65 -8.10
CA HIS A 447 -11.34 47.22 -6.71
C HIS A 447 -12.35 46.09 -6.54
N THR A 448 -12.28 45.13 -7.45
CA THR A 448 -13.09 43.94 -7.34
C THR A 448 -12.76 43.26 -6.04
N LEU A 449 -11.46 43.22 -5.72
CA LEU A 449 -11.01 42.77 -4.41
C LEU A 449 -10.67 43.98 -3.56
N PRO A 450 -10.91 43.88 -2.24
CA PRO A 450 -11.51 42.73 -1.56
C PRO A 450 -13.01 42.65 -1.72
N PHE A 451 -13.55 41.44 -1.66
CA PHE A 451 -14.99 41.24 -1.53
C PHE A 451 -15.45 41.79 -0.17
N LYS A 452 -16.50 42.59 -0.18
CA LYS A 452 -17.11 43.04 1.06
C LYS A 452 -18.61 42.78 1.03
N PRO A 453 -19.02 41.51 1.22
CA PRO A 453 -20.42 41.10 1.07
C PRO A 453 -21.36 41.75 2.09
N LYS A 454 -22.54 42.17 1.61
CA LYS A 454 -23.61 42.56 2.51
C LYS A 454 -24.13 41.31 3.21
N LYS A 455 -24.74 41.49 4.37
CA LYS A 455 -25.33 40.36 5.10
C LYS A 455 -26.33 39.60 4.23
N GLY A 456 -26.20 38.28 4.20
CA GLY A 456 -27.12 37.45 3.46
C GLY A 456 -26.72 37.25 2.00
N SER A 457 -25.56 37.78 1.62
CA SER A 457 -25.05 37.56 0.28
C SER A 457 -24.85 36.07 0.06
N ARG A 458 -24.94 35.62 -1.19
CA ARG A 458 -24.68 34.23 -1.52
C ARG A 458 -23.31 34.12 -2.18
N ILE A 459 -22.40 33.36 -1.57
CA ILE A 459 -21.05 33.15 -2.12
C ILE A 459 -20.97 31.74 -2.71
N LEU A 460 -20.65 31.66 -4.00
CA LEU A 460 -20.48 30.38 -4.67
C LEU A 460 -19.00 30.03 -4.67
N ILE A 461 -18.67 28.86 -4.12
CA ILE A 461 -17.28 28.40 -4.01
C ILE A 461 -17.07 27.28 -5.03
N VAL A 462 -16.16 27.48 -5.97
CA VAL A 462 -15.98 26.58 -7.10
C VAL A 462 -14.53 26.09 -7.15
N ALA A 463 -14.31 24.79 -7.13
CA ALA A 463 -12.93 24.25 -7.18
C ALA A 463 -12.98 22.80 -7.66
N PRO A 464 -11.84 22.25 -8.11
CA PRO A 464 -11.88 20.89 -8.67
C PRO A 464 -12.40 19.81 -7.72
N TYR A 465 -11.92 19.82 -6.48
CA TYR A 465 -12.16 18.71 -5.55
C TYR A 465 -12.82 19.18 -4.25
N GLU A 466 -13.56 18.28 -3.62
CA GLU A 466 -14.31 18.60 -2.40
C GLU A 466 -13.40 19.13 -1.27
N GLU A 467 -12.17 18.64 -1.20
CA GLU A 467 -11.26 19.12 -0.17
C GLU A 467 -10.91 20.59 -0.36
N GLN A 468 -10.90 21.03 -1.60
CA GLN A 468 -10.59 22.41 -1.92
C GLN A 468 -11.77 23.33 -1.66
N THR A 469 -12.98 22.93 -2.05
CA THR A 469 -14.13 23.76 -1.68
C THR A 469 -14.32 23.77 -0.16
N ALA A 470 -14.00 22.66 0.50
CA ALA A 470 -14.10 22.59 1.96
C ALA A 470 -13.12 23.56 2.62
N SER A 471 -11.92 23.67 2.08
CA SER A 471 -10.93 24.59 2.65
C SER A 471 -11.37 26.04 2.55
N ILE A 472 -11.91 26.40 1.39
CA ILE A 472 -12.44 27.76 1.19
C ILE A 472 -13.64 28.00 2.11
N GLU A 473 -14.55 27.03 2.17
CA GLU A 473 -15.73 27.12 3.02
C GLU A 473 -15.36 27.31 4.49
N GLN A 474 -14.43 26.50 4.99
CA GLN A 474 -14.06 26.59 6.40
C GLN A 474 -13.45 27.92 6.74
N THR A 475 -12.65 28.45 5.82
CA THR A 475 -11.99 29.72 6.02
C THR A 475 -13.04 30.82 6.12
N ILE A 476 -14.01 30.79 5.20
CA ILE A 476 -15.06 31.80 5.25
C ILE A 476 -15.92 31.67 6.53
N HIS A 477 -16.22 30.43 6.91
CA HIS A 477 -16.96 30.17 8.15
C HIS A 477 -16.28 30.79 9.35
N ASP A 478 -14.95 30.69 9.38
CA ASP A 478 -14.15 31.26 10.48
C ASP A 478 -14.21 32.78 10.49
N LEU A 479 -14.16 33.38 9.30
CA LEU A 479 -14.27 34.82 9.16
C LEU A 479 -15.62 35.34 9.67
N ILE A 480 -16.68 34.61 9.36
CA ILE A 480 -18.00 34.98 9.84
C ILE A 480 -18.07 34.88 11.36
N LYS A 481 -17.51 33.79 11.90
CA LYS A 481 -17.56 33.57 13.35
C LYS A 481 -16.75 34.63 14.09
N ARG A 482 -15.65 35.06 13.48
CA ARG A 482 -14.78 36.05 14.10
C ARG A 482 -15.19 37.49 13.78
N LYS A 483 -16.37 37.62 13.16
CA LYS A 483 -16.98 38.92 12.84
C LYS A 483 -16.11 39.77 11.90
N LYS A 484 -15.37 39.13 11.01
CA LYS A 484 -14.55 39.85 10.04
C LYS A 484 -15.33 40.17 8.78
N ILE A 485 -16.31 39.31 8.47
CA ILE A 485 -17.29 39.61 7.44
C ILE A 485 -18.69 39.35 7.98
N LYS A 486 -19.69 39.94 7.32
CA LYS A 486 -21.08 39.71 7.71
C LYS A 486 -21.47 38.27 7.39
N PRO A 487 -22.53 37.76 8.06
CA PRO A 487 -22.99 36.39 7.75
C PRO A 487 -23.43 36.27 6.30
N VAL A 488 -22.98 35.21 5.64
CA VAL A 488 -23.33 34.97 4.26
C VAL A 488 -23.70 33.50 4.08
N SER A 489 -24.39 33.17 3.01
CA SER A 489 -24.68 31.78 2.70
C SER A 489 -23.65 31.27 1.68
N LEU A 490 -23.29 30.00 1.80
CA LEU A 490 -22.24 29.41 0.99
C LEU A 490 -22.78 28.22 0.20
N SER A 491 -22.45 28.12 -1.07
CA SER A 491 -22.73 26.91 -1.83
C SER A 491 -21.45 26.48 -2.52
N LYS A 492 -21.34 25.18 -2.78
CA LYS A 492 -20.09 24.66 -3.34
C LYS A 492 -20.34 23.95 -4.67
N MET A 493 -19.35 24.01 -5.54
CA MET A 493 -19.41 23.36 -6.84
C MET A 493 -18.06 22.72 -7.10
N ASN A 494 -18.02 21.38 -7.11
CA ASN A 494 -16.76 20.65 -7.36
C ASN A 494 -16.72 20.20 -8.81
N PHE A 495 -15.72 20.62 -9.57
CA PHE A 495 -15.83 20.46 -11.02
C PHE A 495 -14.88 19.48 -11.71
N ALA A 496 -14.03 18.78 -10.96
CA ALA A 496 -13.18 17.78 -11.62
C ALA A 496 -14.02 16.76 -12.39
N SER A 497 -13.61 16.51 -13.63
CA SER A 497 -14.24 15.56 -14.54
C SER A 497 -15.66 15.97 -14.94
N GLN A 498 -16.04 17.21 -14.64
CA GLN A 498 -17.35 17.71 -15.01
C GLN A 498 -17.29 18.61 -16.26
N VAL A 499 -18.46 18.78 -16.88
CA VAL A 499 -18.62 19.74 -17.97
C VAL A 499 -19.69 20.74 -17.56
N PHE A 500 -19.43 22.02 -17.83
CA PHE A 500 -20.30 23.11 -17.37
C PHE A 500 -21.64 23.07 -18.08
N LYS A 501 -22.71 23.01 -17.29
CA LYS A 501 -24.05 22.79 -17.81
C LYS A 501 -25.05 23.79 -17.21
N THR A 502 -26.33 23.62 -17.52
CA THR A 502 -27.34 24.61 -17.13
C THR A 502 -27.48 24.71 -15.62
N GLU A 503 -27.40 23.57 -14.94
CA GLU A 503 -27.44 23.51 -13.49
C GLU A 503 -26.34 24.37 -12.88
N HIS A 504 -25.18 24.38 -13.54
CA HIS A 504 -24.07 25.17 -13.05
C HIS A 504 -24.27 26.66 -13.29
N GLU A 505 -24.75 27.01 -14.48
CA GLU A 505 -25.09 28.39 -14.81
C GLU A 505 -26.15 28.95 -13.86
N LYS A 506 -27.10 28.11 -13.46
CA LYS A 506 -28.12 28.54 -12.51
C LYS A 506 -27.49 28.97 -11.19
N GLN A 507 -26.52 28.20 -10.72
CA GLN A 507 -25.82 28.51 -9.46
C GLN A 507 -25.03 29.80 -9.58
N VAL A 508 -24.46 30.03 -10.76
CA VAL A 508 -23.72 31.26 -11.02
C VAL A 508 -24.70 32.44 -11.03
N LYS A 509 -25.83 32.27 -11.70
CA LYS A 509 -26.83 33.34 -11.77
C LYS A 509 -27.38 33.70 -10.38
N GLU A 510 -27.45 32.71 -9.49
CA GLU A 510 -27.99 32.91 -8.14
C GLU A 510 -26.97 33.48 -7.14
N ALA A 511 -25.69 33.44 -7.47
CA ALA A 511 -24.67 33.88 -6.53
C ALA A 511 -24.53 35.39 -6.56
N ASP A 512 -24.08 35.95 -5.43
CA ASP A 512 -23.74 37.36 -5.35
C ASP A 512 -22.22 37.55 -5.50
N TYR A 513 -21.45 36.52 -5.11
CA TYR A 513 -19.99 36.52 -5.26
C TYR A 513 -19.53 35.13 -5.66
N ILE A 514 -18.49 35.06 -6.47
CA ILE A 514 -17.99 33.78 -6.94
C ILE A 514 -16.48 33.70 -6.75
N ILE A 515 -16.05 32.65 -6.05
CA ILE A 515 -14.62 32.36 -5.91
C ILE A 515 -14.36 31.05 -6.62
N THR A 516 -13.47 31.07 -7.61
CA THR A 516 -13.16 29.86 -8.38
C THR A 516 -11.68 29.52 -8.30
N GLY A 517 -11.37 28.29 -7.94
CA GLY A 517 -9.99 27.82 -7.95
C GLY A 517 -9.69 27.06 -9.23
N SER A 518 -8.53 27.36 -9.82
CA SER A 518 -8.09 26.68 -11.04
C SER A 518 -6.88 25.83 -10.70
N TYR A 519 -6.80 24.63 -11.25
CA TYR A 519 -5.71 23.69 -10.96
C TYR A 519 -5.12 23.15 -12.26
N VAL A 520 -3.84 23.45 -12.53
CA VAL A 520 -3.16 22.80 -13.64
C VAL A 520 -1.75 22.33 -13.22
N VAL A 521 -1.30 21.25 -13.86
CA VAL A 521 0.10 20.88 -13.82
C VAL A 521 0.71 21.43 -15.09
N LYS A 522 0.50 20.73 -16.20
CA LYS A 522 0.86 21.31 -17.48
C LYS A 522 -0.35 22.09 -17.97
N ASN A 523 -0.13 23.36 -18.28
CA ASN A 523 -1.23 24.18 -18.81
C ASN A 523 -1.31 24.05 -20.32
N ASP A 524 -2.25 23.25 -20.80
CA ASP A 524 -2.31 22.99 -22.23
C ASP A 524 -3.69 23.22 -22.85
N PRO A 525 -4.29 24.38 -22.59
CA PRO A 525 -5.62 24.59 -23.18
C PRO A 525 -5.56 24.56 -24.71
N VAL A 526 -6.65 24.12 -25.35
CA VAL A 526 -6.73 24.18 -26.80
C VAL A 526 -7.01 25.61 -27.25
N VAL A 527 -6.18 26.09 -28.16
CA VAL A 527 -6.24 27.46 -28.64
C VAL A 527 -6.04 27.43 -30.14
N ASN A 528 -6.85 28.19 -30.87
CA ASN A 528 -6.70 28.35 -32.30
C ASN A 528 -6.79 29.83 -32.66
N ASP A 529 -5.80 30.32 -33.41
CA ASP A 529 -5.75 31.72 -33.86
C ASP A 529 -6.00 32.70 -32.73
N GLY A 530 -5.46 32.40 -31.55
CA GLY A 530 -5.54 33.31 -30.42
C GLY A 530 -6.79 33.17 -29.57
N VAL A 531 -7.63 32.19 -29.92
CA VAL A 531 -8.89 31.99 -29.22
C VAL A 531 -8.87 30.67 -28.47
N ILE A 532 -9.00 30.73 -27.16
CA ILE A 532 -9.11 29.53 -26.36
C ILE A 532 -10.46 28.88 -26.67
N ASP A 533 -10.45 27.57 -26.93
CA ASP A 533 -11.64 26.88 -27.40
C ASP A 533 -12.56 26.58 -26.23
N ASP A 534 -13.74 27.19 -26.23
CA ASP A 534 -14.72 26.90 -25.18
C ASP A 534 -15.81 25.93 -25.65
N THR A 535 -15.64 25.37 -26.84
CA THR A 535 -16.68 24.50 -27.41
C THR A 535 -16.39 23.03 -27.05
N ILE A 536 -15.29 22.79 -26.35
CA ILE A 536 -14.85 21.44 -26.03
C ILE A 536 -15.77 20.77 -25.00
N SER A 537 -16.38 19.65 -25.37
CA SER A 537 -17.29 18.92 -24.47
C SER A 537 -16.69 17.64 -23.89
N ASP A 538 -15.44 17.36 -24.23
CA ASP A 538 -14.66 16.28 -23.66
C ASP A 538 -14.38 16.55 -22.18
N SER A 539 -15.00 15.79 -21.29
CA SER A 539 -14.89 16.04 -19.85
C SER A 539 -13.47 15.85 -19.33
N SER A 540 -12.63 15.17 -20.11
CA SER A 540 -11.24 14.96 -19.66
C SER A 540 -10.43 16.24 -19.69
N LYS A 541 -10.95 17.25 -20.41
CA LYS A 541 -10.29 18.57 -20.48
C LYS A 541 -10.81 19.55 -19.42
N TRP A 542 -11.46 19.01 -18.39
CA TRP A 542 -12.07 19.84 -17.34
C TRP A 542 -11.15 20.90 -16.74
N ALA A 543 -9.85 20.63 -16.58
CA ALA A 543 -8.95 21.51 -15.84
C ALA A 543 -8.77 22.86 -16.52
N THR A 544 -8.86 22.88 -17.86
CA THR A 544 -8.64 24.12 -18.60
C THR A 544 -9.90 24.70 -19.18
N VAL A 545 -10.99 23.93 -19.16
CA VAL A 545 -12.25 24.36 -19.79
C VAL A 545 -13.32 24.82 -18.79
N PHE A 546 -13.45 24.10 -17.68
CA PHE A 546 -14.54 24.36 -16.74
C PHE A 546 -14.37 25.71 -16.02
N PRO A 547 -13.17 26.01 -15.49
CA PRO A 547 -13.09 27.30 -14.80
C PRO A 547 -13.37 28.48 -15.74
N ARG A 548 -12.88 28.43 -16.98
CA ARG A 548 -13.22 29.45 -17.98
C ARG A 548 -14.73 29.55 -18.24
N ALA A 549 -15.42 28.43 -18.24
CA ALA A 549 -16.86 28.46 -18.43
C ALA A 549 -17.56 29.18 -17.26
N VAL A 550 -17.05 29.00 -16.05
CA VAL A 550 -17.63 29.69 -14.91
C VAL A 550 -17.37 31.19 -15.01
N MET A 551 -16.16 31.56 -15.39
CA MET A 551 -15.79 32.96 -15.59
C MET A 551 -16.72 33.64 -16.58
N LYS A 552 -16.87 33.00 -17.73
CA LYS A 552 -17.69 33.53 -18.81
C LYS A 552 -19.11 33.76 -18.34
N ALA A 553 -19.68 32.79 -17.64
CA ALA A 553 -21.04 32.97 -17.12
C ALA A 553 -21.10 34.07 -16.07
N ALA A 554 -20.10 34.13 -15.18
CA ALA A 554 -20.07 35.17 -14.16
C ALA A 554 -20.03 36.56 -14.76
N LEU A 555 -19.16 36.73 -15.77
CA LEU A 555 -19.00 38.03 -16.40
C LEU A 555 -20.27 38.39 -17.15
N GLN A 556 -20.92 37.40 -17.73
CA GLN A 556 -22.11 37.65 -18.52
C GLN A 556 -23.26 38.12 -17.62
N HIS A 557 -23.24 37.65 -16.38
CA HIS A 557 -24.29 38.01 -15.43
C HIS A 557 -23.81 39.05 -14.42
N ASN A 558 -22.72 39.74 -14.76
CA ASN A 558 -22.19 40.82 -13.96
C ASN A 558 -21.96 40.44 -12.50
N LYS A 559 -21.34 39.29 -12.29
CA LYS A 559 -21.09 38.81 -10.94
C LYS A 559 -19.64 39.08 -10.56
N PRO A 560 -19.39 39.58 -9.34
CA PRO A 560 -18.01 39.66 -8.84
C PRO A 560 -17.38 38.29 -8.88
N PHE A 561 -16.21 38.19 -9.49
CA PHE A 561 -15.61 36.90 -9.76
C PHE A 561 -14.11 37.01 -9.54
N VAL A 562 -13.56 36.10 -8.74
CA VAL A 562 -12.11 36.02 -8.59
C VAL A 562 -11.65 34.61 -8.90
N LEU A 563 -10.56 34.52 -9.66
CA LEU A 563 -9.93 33.25 -9.96
C LEU A 563 -8.69 33.11 -9.09
N MET A 564 -8.63 32.03 -8.34
CA MET A 564 -7.45 31.70 -7.57
C MET A 564 -6.71 30.52 -8.20
N SER A 565 -5.48 30.76 -8.67
CA SER A 565 -4.66 29.69 -9.23
C SER A 565 -4.09 28.83 -8.10
N LEU A 566 -4.30 27.50 -8.15
CA LEU A 566 -4.02 26.63 -7.00
C LEU A 566 -2.72 25.85 -7.07
N ARG A 567 -2.30 25.49 -8.27
CA ARG A 567 -1.08 24.72 -8.36
C ARG A 567 -0.04 25.49 -9.17
N ASN A 568 0.26 25.08 -10.39
CA ASN A 568 1.21 25.86 -11.19
C ASN A 568 0.53 27.12 -11.69
N PRO A 569 1.23 28.27 -11.63
CA PRO A 569 0.54 29.55 -11.84
C PRO A 569 0.30 29.88 -13.31
N TYR A 570 0.72 28.99 -14.20
CA TYR A 570 0.64 29.26 -15.64
C TYR A 570 -0.81 29.35 -16.11
N ASP A 571 -1.72 28.74 -15.34
CA ASP A 571 -3.15 28.84 -15.70
C ASP A 571 -3.70 30.28 -15.58
N ALA A 572 -2.92 31.20 -14.99
CA ALA A 572 -3.32 32.60 -14.98
C ALA A 572 -3.56 33.10 -16.39
N ALA A 573 -2.85 32.51 -17.35
CA ALA A 573 -3.01 32.90 -18.76
C ALA A 573 -4.36 32.48 -19.35
N ASN A 574 -5.08 31.61 -18.65
CA ASN A 574 -6.39 31.15 -19.14
C ASN A 574 -7.54 32.08 -18.79
N PHE A 575 -7.23 33.22 -18.18
CA PHE A 575 -8.29 34.08 -17.63
C PHE A 575 -8.02 35.57 -17.84
N GLU A 576 -7.66 35.94 -19.06
CA GLU A 576 -7.38 37.33 -19.36
C GLU A 576 -8.64 38.19 -19.21
N GLU A 577 -9.81 37.57 -19.36
CA GLU A 577 -11.07 38.31 -19.27
C GLU A 577 -11.44 38.68 -17.84
N ALA A 578 -10.84 37.98 -16.88
CA ALA A 578 -11.23 38.11 -15.48
C ALA A 578 -10.79 39.44 -14.91
N LYS A 579 -11.53 39.94 -13.93
CA LYS A 579 -11.18 41.24 -13.31
C LYS A 579 -10.35 41.07 -12.05
N ALA A 580 -10.35 39.87 -11.50
CA ALA A 580 -9.58 39.59 -10.29
C ALA A 580 -8.96 38.21 -10.40
N LEU A 581 -7.66 38.15 -10.12
CA LEU A 581 -6.89 36.95 -10.37
C LEU A 581 -5.72 36.93 -9.39
N ILE A 582 -5.65 35.86 -8.62
CA ILE A 582 -4.52 35.67 -7.69
C ILE A 582 -3.90 34.28 -7.86
N ALA A 583 -2.66 34.11 -7.41
CA ALA A 583 -2.01 32.81 -7.42
C ALA A 583 -1.54 32.49 -6.01
N VAL A 584 -1.69 31.24 -5.59
CA VAL A 584 -1.30 30.87 -4.23
C VAL A 584 -0.27 29.72 -4.17
N TYR A 585 -0.02 29.07 -5.32
CA TYR A 585 1.06 28.08 -5.45
C TYR A 585 0.93 26.86 -4.55
N GLY A 586 -0.29 26.45 -4.24
CA GLY A 586 -0.46 25.26 -3.42
C GLY A 586 -1.93 24.89 -3.31
N PHE A 587 -2.21 23.60 -3.56
CA PHE A 587 -3.57 23.19 -3.93
C PHE A 587 -4.25 22.29 -2.89
N LYS A 588 -3.52 21.86 -1.87
CA LYS A 588 -4.10 20.88 -0.96
C LYS A 588 -5.13 21.56 -0.06
N GLY A 589 -6.20 20.83 0.20
CA GLY A 589 -7.37 21.45 0.84
C GLY A 589 -7.53 21.06 2.29
N TYR A 590 -8.77 20.83 2.70
CA TYR A 590 -9.11 20.62 4.10
C TYR A 590 -9.81 19.28 4.21
N ALA A 591 -9.31 18.43 5.11
CA ALA A 591 -9.88 17.10 5.26
C ALA A 591 -9.69 16.62 6.70
N ASN A 592 -10.72 15.99 7.26
CA ASN A 592 -10.65 15.45 8.61
C ASN A 592 -10.21 16.48 9.66
N GLY A 593 -10.75 17.69 9.52
CA GLY A 593 -10.51 18.73 10.51
C GLY A 593 -9.18 19.43 10.36
N ARG A 594 -8.44 19.08 9.31
CA ARG A 594 -7.09 19.62 9.13
C ARG A 594 -6.88 20.28 7.76
N TYR A 595 -6.26 21.46 7.78
CA TYR A 595 -5.76 22.07 6.55
C TYR A 595 -4.49 21.36 6.12
N LEU A 596 -4.48 20.87 4.89
CA LEU A 596 -3.33 20.14 4.37
C LEU A 596 -2.29 21.06 3.77
N GLN A 597 -2.68 22.30 3.51
CA GLN A 597 -1.75 23.36 3.13
C GLN A 597 -2.35 24.69 3.53
N PRO A 598 -1.50 25.69 3.72
CA PRO A 598 -2.02 26.99 4.16
C PRO A 598 -2.37 27.91 3.00
N ASN A 599 -2.07 27.50 1.77
CA ASN A 599 -2.12 28.40 0.64
C ASN A 599 -3.53 28.85 0.27
N ILE A 600 -4.47 27.92 0.21
CA ILE A 600 -5.87 28.28 -0.10
C ILE A 600 -6.44 29.23 0.98
N PRO A 601 -6.27 28.91 2.29
CA PRO A 601 -6.74 29.89 3.27
C PRO A 601 -6.11 31.28 3.10
N ALA A 602 -4.83 31.34 2.79
CA ALA A 602 -4.14 32.62 2.63
C ALA A 602 -4.80 33.39 1.50
N GLY A 603 -5.13 32.70 0.42
CA GLY A 603 -5.77 33.35 -0.71
C GLY A 603 -7.18 33.83 -0.37
N VAL A 604 -7.93 33.01 0.36
CA VAL A 604 -9.27 33.41 0.76
C VAL A 604 -9.20 34.62 1.73
N MET A 605 -8.25 34.60 2.65
CA MET A 605 -8.04 35.75 3.52
C MET A 605 -7.77 37.02 2.71
N ALA A 606 -6.97 36.91 1.67
CA ALA A 606 -6.67 38.08 0.85
C ALA A 606 -7.93 38.58 0.14
N ILE A 607 -8.72 37.63 -0.36
CA ILE A 607 -9.94 37.95 -1.12
C ILE A 607 -10.92 38.76 -0.26
N PHE A 608 -10.96 38.47 1.04
CA PHE A 608 -11.89 39.19 1.91
C PHE A 608 -11.25 40.32 2.72
N GLY A 609 -10.03 40.71 2.34
CA GLY A 609 -9.36 41.86 2.89
C GLY A 609 -8.81 41.64 4.28
N GLN A 610 -8.52 40.37 4.59
CA GLN A 610 -8.05 40.01 5.92
C GLN A 610 -6.58 39.62 5.94
N ALA A 611 -5.91 39.80 4.81
CA ALA A 611 -4.46 39.56 4.73
C ALA A 611 -3.90 40.43 3.62
N LYS A 612 -2.60 40.73 3.71
CA LYS A 612 -1.92 41.58 2.73
C LYS A 612 -0.97 40.76 1.89
N PRO A 613 -1.37 40.47 0.65
CA PRO A 613 -0.47 39.75 -0.26
C PRO A 613 0.73 40.62 -0.57
N LYS A 614 1.90 39.99 -0.58
CA LYS A 614 3.13 40.69 -0.91
C LYS A 614 3.86 39.97 -2.04
N GLY A 615 3.18 39.02 -2.66
CA GLY A 615 3.84 38.17 -3.65
C GLY A 615 4.11 38.82 -4.98
N THR A 616 5.25 38.47 -5.57
CA THR A 616 5.55 38.83 -6.96
C THR A 616 5.95 37.52 -7.68
N LEU A 617 5.66 37.41 -8.98
CA LEU A 617 5.83 36.12 -9.68
C LEU A 617 7.27 35.66 -9.65
N PRO A 618 7.50 34.40 -9.25
CA PRO A 618 8.88 33.87 -9.30
C PRO A 618 9.15 33.11 -10.60
N VAL A 619 8.18 33.18 -11.52
CA VAL A 619 8.32 32.61 -12.86
C VAL A 619 7.69 33.58 -13.84
N ASP A 620 8.05 33.46 -15.11
CA ASP A 620 7.29 34.13 -16.16
C ASP A 620 6.03 33.32 -16.44
N ILE A 621 4.92 34.02 -16.76
CA ILE A 621 3.69 33.34 -17.21
C ILE A 621 3.53 33.56 -18.71
N PRO A 622 3.74 32.51 -19.52
CA PRO A 622 3.58 32.63 -20.97
C PRO A 622 2.15 32.93 -21.34
N SER A 623 1.97 33.78 -22.35
CA SER A 623 0.65 34.01 -22.91
C SER A 623 0.15 32.77 -23.61
N VAL A 624 -1.15 32.53 -23.50
CA VAL A 624 -1.79 31.42 -24.16
C VAL A 624 -2.40 31.91 -25.45
N THR A 625 -2.91 33.14 -25.41
CA THR A 625 -3.60 33.72 -26.58
C THR A 625 -2.64 34.28 -27.63
N LYS A 626 -1.42 34.57 -27.20
CA LYS A 626 -0.40 35.07 -28.11
C LYS A 626 0.90 34.31 -27.87
N PRO A 627 1.02 33.10 -28.45
CA PRO A 627 2.14 32.18 -28.20
C PRO A 627 3.51 32.82 -28.47
N GLY A 628 4.47 32.61 -27.59
CA GLY A 628 5.78 33.23 -27.72
C GLY A 628 5.90 34.56 -26.99
N ASN A 629 4.79 35.07 -26.49
CA ASN A 629 4.79 36.26 -25.65
C ASN A 629 4.69 35.93 -24.17
N THR A 630 5.19 36.83 -23.33
CA THR A 630 5.02 36.71 -21.89
C THR A 630 3.84 37.57 -21.43
N LEU A 631 2.86 36.95 -20.78
CA LEU A 631 1.69 37.70 -20.30
C LEU A 631 2.00 38.46 -19.01
N TYR A 632 2.57 37.74 -18.03
CA TYR A 632 3.03 38.36 -16.78
C TYR A 632 4.46 37.96 -16.54
N PRO A 633 5.36 38.95 -16.35
CA PRO A 633 6.79 38.67 -16.22
C PRO A 633 7.19 38.34 -14.79
N LEU A 634 8.29 37.62 -14.67
CA LEU A 634 8.91 37.41 -13.38
C LEU A 634 9.03 38.76 -12.68
N GLY A 635 8.60 38.79 -11.43
CA GLY A 635 8.69 39.98 -10.60
C GLY A 635 7.40 40.80 -10.53
N TYR A 636 6.42 40.42 -11.34
CA TYR A 636 5.13 41.14 -11.35
C TYR A 636 4.22 40.69 -10.21
N GLY A 637 3.65 41.67 -9.50
CA GLY A 637 2.68 41.42 -8.45
C GLY A 637 2.07 42.73 -8.01
N LEU A 638 0.77 42.75 -7.71
CA LEU A 638 0.07 44.00 -7.39
C LEU A 638 -0.18 44.15 -5.89
N ASN A 639 -0.19 45.41 -5.44
CA ASN A 639 -0.72 45.76 -4.13
C ASN A 639 -2.23 45.68 -4.23
N ILE A 640 -2.85 44.87 -3.37
CA ILE A 640 -4.26 44.57 -3.54
C ILE A 640 -5.13 45.81 -3.29
N LYS A 641 -4.61 46.75 -2.51
CA LYS A 641 -5.35 47.97 -2.19
C LYS A 641 -5.22 49.06 -3.25
N THR A 642 -4.01 49.25 -3.77
CA THR A 642 -3.70 50.41 -4.60
C THR A 642 -3.60 50.06 -6.08
N GLY A 643 -3.27 48.81 -6.39
CA GLY A 643 -3.10 48.41 -7.78
C GLY A 643 -1.74 48.75 -8.36
N ARG A 644 -0.82 49.22 -7.53
CA ARG A 644 0.52 49.48 -8.03
C ARG A 644 1.42 48.26 -7.85
N PRO A 645 2.28 48.00 -8.84
CA PRO A 645 3.26 46.92 -8.75
C PRO A 645 4.10 46.99 -7.47
N LEU A 646 4.25 45.86 -6.82
CA LEU A 646 5.06 45.79 -5.62
C LEU A 646 6.53 46.00 -5.96
N ALA B 30 -37.44 -24.20 -18.06
CA ALA B 30 -37.52 -23.16 -19.07
C ALA B 30 -36.61 -21.98 -18.71
N SER B 31 -36.33 -21.83 -17.43
CA SER B 31 -35.44 -20.77 -17.00
C SER B 31 -34.02 -20.98 -17.52
N ALA B 32 -33.51 -22.21 -17.49
CA ALA B 32 -32.15 -22.45 -17.98
C ALA B 32 -32.09 -22.25 -19.49
N SER B 33 -33.13 -22.67 -20.19
CA SER B 33 -33.15 -22.46 -21.63
C SER B 33 -33.26 -20.98 -21.98
N LYS B 34 -34.17 -20.27 -21.31
CA LYS B 34 -34.33 -18.83 -21.55
C LYS B 34 -33.05 -18.08 -21.23
N ARG B 35 -32.41 -18.48 -20.15
CA ARG B 35 -31.17 -17.83 -19.74
C ARG B 35 -30.08 -17.98 -20.81
N ALA B 36 -29.94 -19.17 -21.40
CA ALA B 36 -28.92 -19.36 -22.44
C ALA B 36 -29.23 -18.53 -23.69
N ILE B 37 -30.51 -18.49 -24.06
CA ILE B 37 -30.95 -17.76 -25.24
C ILE B 37 -30.77 -16.24 -25.02
N ASP B 38 -31.17 -15.75 -23.85
CA ASP B 38 -31.00 -14.33 -23.51
C ASP B 38 -29.52 -13.94 -23.54
N ALA B 39 -28.68 -14.77 -22.94
CA ALA B 39 -27.25 -14.48 -22.90
C ALA B 39 -26.69 -14.37 -24.32
N ASN B 40 -27.11 -15.30 -25.17
CA ASN B 40 -26.66 -15.28 -26.57
C ASN B 40 -27.09 -13.99 -27.28
N GLN B 41 -28.36 -13.63 -27.15
CA GLN B 41 -28.86 -12.42 -27.82
C GLN B 41 -28.14 -11.16 -27.34
N ILE B 42 -27.85 -11.11 -26.05
CA ILE B 42 -27.15 -9.97 -25.47
C ILE B 42 -25.72 -9.86 -26.01
N VAL B 43 -25.01 -10.98 -26.02
CA VAL B 43 -23.63 -11.00 -26.47
C VAL B 43 -23.51 -10.73 -27.96
N ASN B 44 -24.49 -11.19 -28.75
CA ASN B 44 -24.46 -10.93 -30.18
C ASN B 44 -24.47 -9.43 -30.50
N ARG B 45 -24.99 -8.61 -29.58
CA ARG B 45 -25.07 -7.17 -29.85
C ARG B 45 -23.84 -6.40 -29.37
N MET B 46 -22.96 -7.08 -28.63
CA MET B 46 -21.81 -6.39 -28.04
C MET B 46 -20.69 -6.20 -29.04
N SER B 47 -19.96 -5.10 -28.92
CA SER B 47 -18.73 -4.89 -29.67
C SER B 47 -17.61 -5.77 -29.11
N LEU B 48 -16.54 -5.93 -29.87
CA LEU B 48 -15.43 -6.74 -29.38
C LEU B 48 -14.83 -6.13 -28.12
N ASP B 49 -14.73 -4.80 -28.08
CA ASP B 49 -14.21 -4.12 -26.89
C ASP B 49 -15.06 -4.40 -25.67
N GLU B 50 -16.38 -4.44 -25.87
CA GLU B 50 -17.31 -4.73 -24.80
C GLU B 50 -17.16 -6.17 -24.32
N LYS B 51 -17.06 -7.10 -25.27
CA LYS B 51 -16.89 -8.51 -24.94
C LYS B 51 -15.61 -8.75 -24.14
N LEU B 52 -14.51 -8.18 -24.62
CA LEU B 52 -13.23 -8.42 -23.95
C LEU B 52 -13.22 -7.73 -22.59
N GLY B 53 -13.88 -6.58 -22.48
CA GLY B 53 -14.04 -5.92 -21.20
C GLY B 53 -14.70 -6.82 -20.17
N GLN B 54 -15.71 -7.57 -20.59
CA GLN B 54 -16.42 -8.48 -19.70
C GLN B 54 -15.50 -9.55 -19.12
N MET B 55 -14.43 -9.88 -19.84
CA MET B 55 -13.54 -10.96 -19.45
C MET B 55 -12.42 -10.48 -18.53
N LEU B 56 -12.42 -9.19 -18.20
CA LEU B 56 -11.43 -8.64 -17.27
C LEU B 56 -12.05 -8.35 -15.92
N MET B 57 -11.32 -8.72 -14.86
CA MET B 57 -11.73 -8.42 -13.48
C MET B 57 -10.55 -7.86 -12.71
N PRO B 58 -10.32 -6.55 -12.81
CA PRO B 58 -9.22 -5.90 -12.09
C PRO B 58 -9.55 -5.70 -10.62
N ASP B 59 -8.54 -5.34 -9.84
CA ASP B 59 -8.75 -4.79 -8.51
C ASP B 59 -8.43 -3.31 -8.56
N PHE B 60 -9.03 -2.58 -7.63
CA PHE B 60 -8.55 -1.24 -7.31
C PHE B 60 -8.37 -1.15 -5.82
N ARG B 61 -7.43 -1.95 -5.31
CA ARG B 61 -7.19 -2.02 -3.87
C ARG B 61 -6.80 -0.65 -3.36
N ASN B 62 -5.77 -0.08 -3.98
CA ASN B 62 -5.30 1.26 -3.64
C ASN B 62 -5.38 2.17 -4.84
N TRP B 63 -5.47 3.46 -4.58
CA TRP B 63 -5.56 4.43 -5.64
C TRP B 63 -4.86 5.71 -5.29
N GLN B 64 -4.18 6.28 -6.27
CA GLN B 64 -3.53 7.57 -6.11
C GLN B 64 -4.26 8.60 -6.98
N LYS B 65 -5.00 9.51 -6.36
CA LYS B 65 -5.77 10.51 -7.11
C LYS B 65 -4.84 11.57 -7.68
N GLU B 66 -5.35 12.35 -8.64
CA GLU B 66 -4.64 13.56 -9.05
C GLU B 66 -4.33 14.42 -7.82
N GLY B 67 -3.06 14.81 -7.70
CA GLY B 67 -2.66 15.68 -6.60
C GLY B 67 -2.21 14.91 -5.37
N GLU B 68 -2.40 13.59 -5.39
CA GLU B 68 -1.97 12.79 -4.26
C GLU B 68 -0.58 12.25 -4.52
N SER B 69 0.11 11.95 -3.43
CA SER B 69 1.53 11.65 -3.49
C SER B 69 1.83 10.14 -3.71
N SER B 70 0.94 9.26 -3.29
CA SER B 70 1.13 7.81 -3.42
C SER B 70 -0.20 7.11 -3.26
N PRO B 71 -0.30 5.83 -3.69
CA PRO B 71 -1.63 5.20 -3.58
C PRO B 71 -2.10 4.99 -2.14
N GLN B 72 -3.40 5.13 -1.92
CA GLN B 72 -4.01 4.82 -0.62
C GLN B 72 -5.22 3.94 -0.81
N ALA B 73 -5.65 3.27 0.27
CA ALA B 73 -6.82 2.39 0.21
C ALA B 73 -8.00 3.10 -0.43
N LEU B 74 -8.62 2.43 -1.39
CA LEU B 74 -9.79 2.99 -2.03
C LEU B 74 -11.02 2.58 -1.24
N THR B 75 -11.51 3.48 -0.37
CA THR B 75 -12.67 3.16 0.45
C THR B 75 -13.93 3.83 -0.11
N LYS B 76 -13.72 4.77 -1.01
CA LYS B 76 -14.80 5.56 -1.59
C LYS B 76 -14.56 5.74 -3.09
N MET B 77 -15.62 5.68 -3.88
CA MET B 77 -15.50 5.86 -5.32
C MET B 77 -15.05 7.27 -5.64
N ASN B 78 -14.27 7.43 -6.72
CA ASN B 78 -13.98 8.75 -7.24
C ASN B 78 -14.18 8.73 -8.74
N ASP B 79 -14.15 9.90 -9.36
CA ASP B 79 -14.49 9.99 -10.77
C ASP B 79 -13.40 9.40 -11.68
N GLU B 80 -12.20 9.27 -11.13
CA GLU B 80 -11.08 8.72 -11.88
C GLU B 80 -11.26 7.22 -12.08
N VAL B 81 -11.52 6.50 -10.98
CA VAL B 81 -11.79 5.07 -11.06
C VAL B 81 -13.05 4.83 -11.88
N ALA B 82 -14.07 5.64 -11.61
CA ALA B 82 -15.34 5.51 -12.35
C ALA B 82 -15.11 5.65 -13.86
N SER B 83 -14.25 6.58 -14.24
CA SER B 83 -13.98 6.83 -15.66
C SER B 83 -13.36 5.60 -16.35
N LEU B 84 -12.57 4.84 -15.60
CA LEU B 84 -11.96 3.61 -16.11
C LEU B 84 -12.97 2.47 -16.26
N VAL B 85 -13.86 2.35 -15.29
CA VAL B 85 -14.94 1.39 -15.40
C VAL B 85 -15.78 1.66 -16.64
N LYS B 86 -16.07 2.93 -16.88
CA LYS B 86 -16.88 3.34 -18.04
C LYS B 86 -16.13 3.14 -19.36
N LYS B 87 -14.83 3.41 -19.33
CA LYS B 87 -14.02 3.32 -20.54
C LYS B 87 -13.82 1.86 -20.95
N TYR B 88 -13.40 1.02 -20.00
CA TYR B 88 -13.04 -0.35 -20.34
C TYR B 88 -14.17 -1.35 -20.15
N GLN B 89 -15.22 -0.93 -19.44
CA GLN B 89 -16.41 -1.77 -19.26
C GLN B 89 -16.08 -3.17 -18.72
N PHE B 90 -15.35 -3.19 -17.61
CA PHE B 90 -14.97 -4.45 -16.97
C PHE B 90 -16.18 -5.32 -16.64
N GLY B 91 -15.98 -6.64 -16.65
CA GLY B 91 -17.02 -7.57 -16.21
C GLY B 91 -17.20 -7.64 -14.71
N GLY B 92 -16.16 -7.28 -13.99
CA GLY B 92 -16.23 -7.34 -12.54
C GLY B 92 -15.05 -6.66 -11.90
N ILE B 93 -15.09 -6.57 -10.58
CA ILE B 93 -14.03 -5.99 -9.77
C ILE B 93 -13.84 -6.94 -8.60
N ILE B 94 -12.59 -7.27 -8.27
CA ILE B 94 -12.34 -7.96 -7.00
C ILE B 94 -11.99 -6.93 -5.90
N LEU B 95 -12.63 -7.10 -4.73
CA LEU B 95 -12.47 -6.20 -3.59
C LEU B 95 -11.54 -6.85 -2.59
N PHE B 96 -10.72 -6.03 -1.94
CA PHE B 96 -9.82 -6.48 -0.87
C PHE B 96 -10.14 -5.79 0.44
N ALA B 97 -9.45 -6.17 1.52
CA ALA B 97 -9.80 -5.63 2.83
C ALA B 97 -9.76 -4.12 2.85
N GLU B 98 -8.83 -3.52 2.10
CA GLU B 98 -8.72 -2.07 1.97
C GLU B 98 -10.02 -1.42 1.52
N ASN B 99 -10.81 -2.16 0.74
CA ASN B 99 -12.00 -1.61 0.10
C ASN B 99 -13.28 -1.84 0.90
N VAL B 100 -13.20 -2.64 1.97
CA VAL B 100 -14.41 -3.08 2.67
C VAL B 100 -14.25 -2.98 4.20
N LYS B 101 -13.67 -1.89 4.67
CA LYS B 101 -13.36 -1.71 6.09
C LYS B 101 -14.62 -1.55 6.95
N THR B 102 -15.63 -0.88 6.42
CA THR B 102 -16.87 -0.72 7.16
C THR B 102 -18.08 -1.04 6.31
N THR B 103 -19.15 -1.45 6.98
CA THR B 103 -20.37 -1.82 6.29
C THR B 103 -20.97 -0.65 5.51
N LYS B 104 -21.04 0.51 6.15
CA LYS B 104 -21.62 1.70 5.52
C LYS B 104 -20.84 2.09 4.28
N GLN B 105 -19.51 2.16 4.41
CA GLN B 105 -18.66 2.51 3.27
C GLN B 105 -18.75 1.47 2.15
N THR B 106 -18.84 0.18 2.51
CA THR B 106 -18.89 -0.88 1.50
C THR B 106 -20.15 -0.79 0.64
N VAL B 107 -21.30 -0.61 1.29
CA VAL B 107 -22.56 -0.49 0.55
C VAL B 107 -22.50 0.70 -0.38
N GLN B 108 -21.96 1.82 0.11
CA GLN B 108 -21.80 2.99 -0.74
C GLN B 108 -20.87 2.66 -1.91
N LEU B 109 -19.78 1.95 -1.65
CA LEU B 109 -18.83 1.62 -2.72
C LEU B 109 -19.42 0.68 -3.77
N THR B 110 -20.13 -0.36 -3.34
CA THR B 110 -20.68 -1.30 -4.31
C THR B 110 -21.81 -0.62 -5.10
N ASP B 111 -22.62 0.21 -4.44
CA ASP B 111 -23.62 0.99 -5.17
C ASP B 111 -22.96 1.89 -6.20
N ASP B 112 -21.88 2.57 -5.80
CA ASP B 112 -21.19 3.47 -6.71
C ASP B 112 -20.51 2.73 -7.87
N TYR B 113 -19.93 1.56 -7.59
CA TYR B 113 -19.39 0.73 -8.68
C TYR B 113 -20.50 0.36 -9.67
N GLN B 114 -21.66 -0.02 -9.16
CA GLN B 114 -22.73 -0.41 -10.07
C GLN B 114 -23.26 0.80 -10.85
N LYS B 115 -23.27 1.97 -10.23
CA LYS B 115 -23.66 3.20 -10.95
C LYS B 115 -22.66 3.53 -12.08
N ALA B 116 -21.38 3.21 -11.86
CA ALA B 116 -20.35 3.47 -12.87
C ALA B 116 -20.40 2.50 -14.06
N SER B 117 -20.89 1.29 -13.83
CA SER B 117 -20.89 0.27 -14.87
C SER B 117 -21.93 0.67 -15.89
N PRO B 118 -21.49 0.93 -17.12
CA PRO B 118 -22.37 1.61 -18.08
C PRO B 118 -23.48 0.73 -18.66
N LYS B 119 -23.28 -0.58 -18.79
CA LYS B 119 -24.24 -1.41 -19.54
C LYS B 119 -24.67 -2.69 -18.84
N ILE B 120 -23.72 -3.37 -18.22
CA ILE B 120 -23.98 -4.64 -17.59
C ILE B 120 -23.49 -4.56 -16.16
N PRO B 121 -24.34 -4.97 -15.20
CA PRO B 121 -23.89 -4.94 -13.80
C PRO B 121 -22.65 -5.78 -13.60
N LEU B 122 -21.79 -5.32 -12.69
CA LEU B 122 -20.52 -5.97 -12.41
C LEU B 122 -20.69 -7.18 -11.51
N MET B 123 -19.85 -8.19 -11.72
CA MET B 123 -19.53 -9.12 -10.65
C MET B 123 -18.65 -8.38 -9.67
N LEU B 124 -19.04 -8.35 -8.40
CA LEU B 124 -18.22 -7.76 -7.36
C LEU B 124 -17.83 -8.92 -6.47
N SER B 125 -16.54 -9.25 -6.50
CA SER B 125 -16.04 -10.50 -5.96
C SER B 125 -15.12 -10.23 -4.78
N ILE B 126 -14.86 -11.25 -3.97
CA ILE B 126 -14.11 -11.05 -2.72
C ILE B 126 -13.66 -12.43 -2.25
N ASP B 127 -12.59 -12.47 -1.45
CA ASP B 127 -12.17 -13.73 -0.83
C ASP B 127 -12.68 -13.81 0.60
N GLN B 128 -13.98 -13.97 0.77
CA GLN B 128 -14.50 -14.17 2.12
C GLN B 128 -14.64 -15.68 2.36
N GLU B 129 -13.50 -16.32 2.64
CA GLU B 129 -13.43 -17.76 2.89
C GLU B 129 -13.91 -18.14 4.28
N GLY B 130 -13.63 -17.25 5.24
CA GLY B 130 -13.82 -17.55 6.64
C GLY B 130 -12.49 -17.96 7.25
N GLY B 131 -12.36 -17.82 8.57
CA GLY B 131 -11.14 -18.20 9.25
C GLY B 131 -9.98 -17.27 8.95
N ILE B 132 -8.86 -17.82 8.46
CA ILE B 132 -7.69 -16.97 8.28
C ILE B 132 -7.72 -16.14 7.01
N VAL B 133 -8.68 -16.39 6.14
CA VAL B 133 -8.89 -15.50 4.99
C VAL B 133 -10.27 -14.87 5.00
N THR B 134 -10.33 -13.63 5.49
CA THR B 134 -11.55 -12.82 5.41
C THR B 134 -11.15 -11.40 5.06
N ARG B 135 -12.12 -10.60 4.60
CA ARG B 135 -11.87 -9.25 4.14
C ARG B 135 -12.78 -8.23 4.81
N LEU B 136 -14.01 -8.63 5.14
CA LEU B 136 -14.99 -7.66 5.62
C LEU B 136 -14.61 -7.07 6.96
N GLY B 137 -14.47 -5.75 7.01
CA GLY B 137 -14.05 -5.11 8.24
C GLY B 137 -14.97 -5.36 9.43
N GLU B 138 -16.27 -5.46 9.20
CA GLU B 138 -17.23 -5.63 10.29
C GLU B 138 -18.03 -6.93 10.14
N GLY B 139 -17.55 -7.82 9.30
CA GLY B 139 -18.25 -9.07 9.04
C GLY B 139 -17.92 -10.14 10.06
N THR B 140 -18.66 -11.23 9.98
CA THR B 140 -18.42 -12.38 10.83
C THR B 140 -17.29 -13.21 10.24
N ASN B 141 -16.24 -13.45 11.02
CA ASN B 141 -15.03 -14.07 10.46
C ASN B 141 -15.08 -15.58 10.29
N PHE B 142 -15.67 -16.27 11.27
CA PHE B 142 -15.76 -17.73 11.31
C PHE B 142 -14.41 -18.39 11.57
N PRO B 143 -14.45 -19.64 12.03
CA PRO B 143 -13.17 -20.28 12.40
C PRO B 143 -12.38 -20.84 11.23
N GLY B 144 -13.01 -20.98 10.08
CA GLY B 144 -12.29 -21.41 8.89
C GLY B 144 -12.50 -22.85 8.50
N ASN B 145 -11.98 -23.21 7.34
CA ASN B 145 -12.26 -24.50 6.76
C ASN B 145 -11.77 -25.70 7.56
N MET B 146 -10.53 -25.64 8.07
CA MET B 146 -10.06 -26.81 8.79
C MET B 146 -10.86 -27.00 10.09
N ALA B 147 -11.30 -25.90 10.69
CA ALA B 147 -12.20 -25.99 11.84
C ALA B 147 -13.52 -26.65 11.44
N LEU B 148 -14.05 -26.28 10.28
CA LEU B 148 -15.25 -26.95 9.76
C LEU B 148 -14.98 -28.43 9.56
N GLY B 149 -13.78 -28.74 9.04
CA GLY B 149 -13.34 -30.13 8.96
C GLY B 149 -13.38 -30.85 10.29
N ALA B 150 -12.85 -30.20 11.31
CA ALA B 150 -12.80 -30.81 12.64
C ALA B 150 -14.21 -31.04 13.17
N ALA B 151 -15.13 -30.12 12.86
CA ALA B 151 -16.49 -30.27 13.36
C ALA B 151 -17.30 -31.34 12.62
N ARG B 152 -16.86 -31.70 11.41
CA ARG B 152 -17.43 -32.84 10.69
C ARG B 152 -18.86 -32.61 10.17
N SER B 153 -19.38 -31.40 10.30
CA SER B 153 -20.82 -31.19 10.07
C SER B 153 -21.16 -30.52 8.73
N ARG B 154 -21.98 -31.19 7.92
CA ARG B 154 -22.49 -30.59 6.70
C ARG B 154 -23.38 -29.42 6.98
N ILE B 155 -24.15 -29.52 8.07
CA ILE B 155 -24.99 -28.38 8.42
C ILE B 155 -24.19 -27.12 8.74
N ASN B 156 -23.07 -27.30 9.44
CA ASN B 156 -22.22 -26.14 9.75
C ASN B 156 -21.59 -25.53 8.52
N ALA B 157 -21.20 -26.38 7.58
CA ALA B 157 -20.59 -25.86 6.36
C ALA B 157 -21.64 -25.11 5.54
N TYR B 158 -22.85 -25.65 5.47
CA TYR B 158 -23.94 -24.93 4.80
C TYR B 158 -24.25 -23.59 5.47
N GLN B 159 -24.33 -23.61 6.80
CA GLN B 159 -24.67 -22.41 7.58
C GLN B 159 -23.60 -21.33 7.40
N THR B 160 -22.34 -21.76 7.36
CA THR B 160 -21.24 -20.82 7.13
C THR B 160 -21.39 -20.14 5.77
N GLY B 161 -21.56 -20.94 4.73
CA GLY B 161 -21.78 -20.39 3.40
C GLY B 161 -22.99 -19.50 3.35
N SER B 162 -24.08 -19.91 4.01
CA SER B 162 -25.31 -19.14 4.03
C SER B 162 -25.11 -17.79 4.74
N ILE B 163 -24.51 -17.82 5.93
CA ILE B 163 -24.30 -16.57 6.68
C ILE B 163 -23.35 -15.63 5.94
N ILE B 164 -22.22 -16.15 5.47
CA ILE B 164 -21.31 -15.36 4.66
C ILE B 164 -22.08 -14.80 3.45
N GLY B 165 -22.87 -15.65 2.80
CA GLY B 165 -23.66 -15.20 1.65
C GLY B 165 -24.64 -14.09 1.99
N LYS B 166 -25.26 -14.17 3.15
CA LYS B 166 -26.21 -13.14 3.57
C LYS B 166 -25.50 -11.81 3.79
N GLU B 167 -24.31 -11.88 4.40
CA GLU B 167 -23.55 -10.66 4.67
C GLU B 167 -23.10 -10.05 3.35
N LEU B 168 -22.57 -10.87 2.47
CA LEU B 168 -22.14 -10.36 1.16
C LEU B 168 -23.29 -9.75 0.39
N SER B 169 -24.43 -10.45 0.40
CA SER B 169 -25.61 -9.96 -0.32
C SER B 169 -26.03 -8.57 0.19
N ALA B 170 -26.09 -8.42 1.51
CA ALA B 170 -26.47 -7.12 2.08
C ALA B 170 -25.51 -6.00 1.69
N LEU B 171 -24.24 -6.34 1.51
CA LEU B 171 -23.21 -5.37 1.17
C LEU B 171 -23.12 -5.05 -0.32
N GLY B 172 -23.90 -5.76 -1.14
CA GLY B 172 -23.89 -5.58 -2.60
C GLY B 172 -22.75 -6.32 -3.29
N ILE B 173 -22.14 -7.25 -2.56
CA ILE B 173 -21.12 -8.13 -3.12
C ILE B 173 -21.83 -9.39 -3.60
N ASN B 174 -21.54 -9.82 -4.83
CA ASN B 174 -22.35 -10.88 -5.42
C ASN B 174 -21.57 -12.15 -5.80
N THR B 175 -20.27 -12.17 -5.50
CA THR B 175 -19.42 -13.29 -5.88
C THR B 175 -18.40 -13.56 -4.78
N ASP B 176 -18.32 -14.80 -4.34
CA ASP B 176 -17.32 -15.18 -3.33
C ASP B 176 -16.38 -16.20 -3.91
N PHE B 177 -15.08 -15.93 -3.80
CA PHE B 177 -14.07 -16.89 -4.25
C PHE B 177 -13.86 -17.91 -3.11
N SER B 178 -14.88 -18.77 -2.96
CA SER B 178 -14.93 -19.80 -1.91
C SER B 178 -15.98 -20.79 -2.37
N PRO B 179 -15.83 -22.08 -2.06
CA PRO B 179 -14.86 -22.69 -1.15
C PRO B 179 -13.55 -23.12 -1.80
N VAL B 180 -12.51 -23.02 -0.99
CA VAL B 180 -11.28 -23.77 -1.21
C VAL B 180 -11.60 -25.24 -1.06
N VAL B 181 -11.37 -26.01 -2.13
CA VAL B 181 -11.55 -27.47 -2.05
C VAL B 181 -10.21 -28.19 -2.36
N ASP B 182 -9.12 -27.46 -2.19
CA ASP B 182 -7.81 -28.08 -2.10
C ASP B 182 -7.79 -29.00 -0.91
N ILE B 183 -7.06 -30.11 -1.04
CA ILE B 183 -6.96 -31.11 0.00
C ILE B 183 -5.58 -31.00 0.60
N ASN B 184 -5.49 -30.62 1.88
CA ASN B 184 -4.19 -30.36 2.46
C ASN B 184 -3.58 -31.67 2.93
N ASN B 185 -3.10 -32.47 1.97
CA ASN B 185 -2.51 -33.77 2.29
C ASN B 185 -0.97 -33.74 2.31
N ASN B 186 -0.40 -32.56 2.04
CA ASN B 186 1.04 -32.28 2.33
C ASN B 186 1.11 -31.32 3.52
N PRO B 187 1.48 -31.84 4.69
CA PRO B 187 1.51 -31.02 5.92
C PRO B 187 2.39 -29.77 5.81
N ASP B 188 3.33 -29.78 4.86
CA ASP B 188 4.27 -28.67 4.72
C ASP B 188 3.71 -27.55 3.86
N ASN B 189 2.47 -27.70 3.40
CA ASN B 189 1.85 -26.68 2.56
C ASN B 189 1.68 -25.33 3.25
N PRO B 190 2.41 -24.30 2.76
CA PRO B 190 2.44 -22.99 3.43
C PRO B 190 1.36 -22.05 2.95
N VAL B 191 0.63 -22.42 1.90
CA VAL B 191 -0.37 -21.51 1.36
C VAL B 191 -1.79 -22.02 1.60
N ILE B 192 -1.98 -23.34 1.71
CA ILE B 192 -3.36 -23.85 1.98
C ILE B 192 -3.56 -24.10 3.48
N GLY B 193 -3.06 -25.22 4.02
CA GLY B 193 -3.10 -25.42 5.48
C GLY B 193 -4.54 -25.32 6.00
N VAL B 194 -4.78 -24.44 6.98
CA VAL B 194 -6.11 -24.38 7.57
C VAL B 194 -7.17 -23.77 6.68
N ARG B 195 -6.78 -23.30 5.50
CA ARG B 195 -7.78 -22.95 4.48
C ARG B 195 -8.46 -24.16 3.82
N SER B 196 -7.91 -25.34 4.05
CA SER B 196 -8.48 -26.59 3.56
C SER B 196 -9.32 -27.26 4.66
N PHE B 197 -10.39 -27.95 4.26
CA PHE B 197 -11.21 -28.69 5.22
C PHE B 197 -10.46 -29.84 5.84
N SER B 198 -9.61 -30.51 5.05
CA SER B 198 -9.17 -31.86 5.46
C SER B 198 -8.07 -32.41 4.58
N SER B 199 -7.36 -33.43 5.07
CA SER B 199 -6.45 -34.15 4.20
C SER B 199 -7.18 -35.28 3.49
N ASN B 200 -8.47 -35.46 3.79
CA ASN B 200 -9.27 -36.53 3.20
C ASN B 200 -10.18 -36.01 2.08
N ARG B 201 -10.21 -36.71 0.95
CA ARG B 201 -10.92 -36.21 -0.22
C ARG B 201 -12.44 -36.19 -0.01
N GLU B 202 -12.96 -37.18 0.72
CA GLU B 202 -14.41 -37.24 0.91
C GLU B 202 -14.90 -36.12 1.82
N LEU B 203 -14.21 -35.89 2.93
CA LEU B 203 -14.60 -34.83 3.85
C LEU B 203 -14.49 -33.46 3.17
N THR B 204 -13.40 -33.27 2.43
CA THR B 204 -13.22 -32.01 1.70
C THR B 204 -14.31 -31.82 0.66
N SER B 205 -14.63 -32.88 -0.07
CA SER B 205 -15.67 -32.73 -1.09
C SER B 205 -17.01 -32.39 -0.48
N ARG B 206 -17.34 -33.09 0.61
CA ARG B 206 -18.63 -32.94 1.26
C ARG B 206 -18.82 -31.52 1.83
N LEU B 207 -17.82 -31.04 2.56
CA LEU B 207 -17.95 -29.72 3.16
C LEU B 207 -17.84 -28.64 2.11
N GLY B 208 -17.04 -28.86 1.08
CA GLY B 208 -17.03 -27.89 -0.01
C GLY B 208 -18.40 -27.76 -0.70
N LEU B 209 -19.03 -28.90 -0.97
CA LEU B 209 -20.33 -28.92 -1.63
C LEU B 209 -21.36 -28.16 -0.79
N TYR B 210 -21.36 -28.39 0.52
CA TYR B 210 -22.36 -27.74 1.37
C TYR B 210 -22.09 -26.25 1.55
N THR B 211 -20.81 -25.86 1.60
CA THR B 211 -20.47 -24.44 1.62
C THR B 211 -20.98 -23.76 0.37
N MET B 212 -20.67 -24.36 -0.78
CA MET B 212 -21.10 -23.84 -2.07
C MET B 212 -22.63 -23.66 -2.11
N LYS B 213 -23.37 -24.67 -1.65
CA LYS B 213 -24.85 -24.57 -1.67
C LYS B 213 -25.37 -23.45 -0.77
N GLY B 214 -24.73 -23.24 0.38
CA GLY B 214 -25.08 -22.15 1.27
C GLY B 214 -24.91 -20.77 0.64
N LEU B 215 -23.77 -20.58 -0.03
CA LEU B 215 -23.51 -19.34 -0.76
C LEU B 215 -24.57 -19.15 -1.85
N GLN B 216 -24.79 -20.21 -2.64
CA GLN B 216 -25.69 -20.08 -3.78
C GLN B 216 -27.11 -19.80 -3.37
N ARG B 217 -27.50 -20.28 -2.19
CA ARG B 217 -28.85 -20.05 -1.69
C ARG B 217 -29.10 -18.57 -1.44
N GLN B 218 -28.03 -17.82 -1.20
CA GLN B 218 -28.14 -16.38 -0.98
C GLN B 218 -27.88 -15.58 -2.27
N ASP B 219 -27.93 -16.28 -3.41
CA ASP B 219 -27.60 -15.68 -4.72
C ASP B 219 -26.20 -15.08 -4.80
N ILE B 220 -25.25 -15.76 -4.18
CA ILE B 220 -23.85 -15.39 -4.33
C ILE B 220 -23.21 -16.42 -5.27
N ALA B 221 -22.55 -15.94 -6.32
CA ALA B 221 -21.83 -16.84 -7.22
C ALA B 221 -20.65 -17.41 -6.45
N SER B 222 -20.47 -18.73 -6.50
CA SER B 222 -19.42 -19.40 -5.70
C SER B 222 -18.36 -19.97 -6.65
N ALA B 223 -17.09 -19.77 -6.32
CA ALA B 223 -16.00 -20.31 -7.11
C ALA B 223 -15.23 -21.34 -6.31
N LEU B 224 -15.11 -22.56 -6.85
CA LEU B 224 -14.21 -23.57 -6.30
C LEU B 224 -12.78 -23.18 -6.60
N LYS B 225 -11.88 -23.39 -5.63
CA LYS B 225 -10.46 -23.14 -5.93
C LYS B 225 -9.56 -24.12 -5.17
N HIS B 226 -8.34 -24.38 -5.64
CA HIS B 226 -7.77 -23.79 -6.86
C HIS B 226 -7.46 -24.92 -7.83
N PHE B 227 -8.13 -24.95 -8.98
CA PHE B 227 -8.13 -26.13 -9.87
C PHE B 227 -6.80 -26.23 -10.63
N PRO B 228 -6.24 -27.45 -10.77
CA PRO B 228 -6.79 -28.76 -10.40
C PRO B 228 -6.37 -29.28 -9.03
N GLY B 229 -5.96 -28.39 -8.13
CA GLY B 229 -5.76 -28.78 -6.74
C GLY B 229 -4.43 -28.34 -6.20
N HIS B 230 -4.45 -27.41 -5.24
CA HIS B 230 -3.23 -26.76 -4.76
C HIS B 230 -2.71 -27.39 -3.47
N GLY B 231 -3.35 -28.48 -3.04
CA GLY B 231 -3.07 -29.04 -1.72
C GLY B 231 -1.70 -29.68 -1.51
N ASP B 232 -1.11 -30.25 -2.55
CA ASP B 232 0.14 -30.98 -2.37
C ASP B 232 1.38 -30.16 -2.77
N THR B 233 1.32 -28.84 -2.60
CA THR B 233 2.49 -28.00 -2.84
C THR B 233 3.13 -27.65 -1.50
N ASP B 234 4.45 -27.53 -1.49
CA ASP B 234 5.15 -26.98 -0.34
C ASP B 234 5.75 -25.62 -0.69
N VAL B 235 5.35 -25.10 -1.85
CA VAL B 235 5.73 -23.76 -2.30
C VAL B 235 4.48 -22.90 -2.43
N ASP B 236 4.60 -21.66 -1.95
CA ASP B 236 3.53 -20.67 -2.10
C ASP B 236 3.56 -20.10 -3.52
N SER B 237 2.45 -20.20 -4.25
CA SER B 237 2.37 -19.61 -5.60
C SER B 237 2.45 -18.07 -5.60
N HIS B 238 2.38 -17.47 -4.42
CA HIS B 238 2.56 -16.03 -4.25
C HIS B 238 4.02 -15.61 -4.45
N TYR B 239 4.95 -16.54 -4.19
CA TYR B 239 6.38 -16.21 -4.16
C TYR B 239 7.24 -17.01 -5.14
N GLY B 240 6.64 -18.04 -5.76
CA GLY B 240 7.37 -18.87 -6.71
C GLY B 240 6.40 -19.81 -7.39
N LEU B 241 6.84 -20.48 -8.46
CA LEU B 241 5.96 -21.37 -9.24
C LEU B 241 6.06 -22.81 -8.75
N PRO B 242 5.01 -23.29 -8.07
CA PRO B 242 5.00 -24.62 -7.48
C PRO B 242 4.85 -25.74 -8.51
N LEU B 243 5.39 -26.90 -8.18
CA LEU B 243 5.32 -28.06 -9.04
C LEU B 243 4.65 -29.21 -8.30
N VAL B 244 3.68 -29.85 -8.95
CA VAL B 244 3.12 -31.07 -8.43
C VAL B 244 3.46 -32.19 -9.40
N SER B 245 4.21 -33.18 -8.93
CA SER B 245 4.80 -34.18 -9.81
C SER B 245 4.01 -35.51 -9.82
N HIS B 246 2.89 -35.56 -9.10
CA HIS B 246 2.10 -36.80 -9.06
C HIS B 246 1.60 -37.16 -10.46
N GLY B 247 1.43 -38.46 -10.72
CA GLY B 247 0.90 -38.93 -11.99
C GLY B 247 -0.61 -38.74 -12.06
N GLN B 248 -1.17 -38.95 -13.25
CA GLN B 248 -2.57 -38.61 -13.46
C GLN B 248 -3.51 -39.46 -12.61
N GLU B 249 -3.17 -40.75 -12.40
CA GLU B 249 -4.06 -41.60 -11.61
C GLU B 249 -4.30 -41.02 -10.21
N ARG B 250 -3.22 -40.62 -9.54
CA ARG B 250 -3.37 -39.97 -8.25
C ARG B 250 -4.15 -38.64 -8.37
N LEU B 251 -3.82 -37.81 -9.34
CA LEU B 251 -4.46 -36.52 -9.47
C LEU B 251 -5.97 -36.62 -9.74
N ARG B 252 -6.32 -37.56 -10.61
CA ARG B 252 -7.72 -37.83 -10.99
C ARG B 252 -8.53 -38.41 -9.84
N GLU B 253 -7.89 -39.29 -9.06
CA GLU B 253 -8.52 -39.98 -7.93
C GLU B 253 -8.69 -39.09 -6.71
N VAL B 254 -7.72 -38.20 -6.49
CA VAL B 254 -7.68 -37.43 -5.24
C VAL B 254 -7.94 -35.95 -5.48
N GLU B 255 -6.93 -35.26 -6.03
CA GLU B 255 -7.03 -33.81 -6.26
C GLU B 255 -8.33 -33.39 -6.97
N LEU B 256 -8.72 -34.10 -8.02
CA LEU B 256 -9.87 -33.67 -8.81
C LEU B 256 -11.22 -34.01 -8.17
N TYR B 257 -11.21 -34.94 -7.22
CA TYR B 257 -12.46 -35.48 -6.66
C TYR B 257 -13.45 -34.40 -6.11
N PRO B 258 -12.98 -33.49 -5.22
CA PRO B 258 -13.95 -32.52 -4.71
C PRO B 258 -14.41 -31.53 -5.78
N PHE B 259 -13.55 -31.26 -6.76
CA PHE B 259 -13.97 -30.41 -7.86
C PHE B 259 -15.08 -31.07 -8.68
N GLN B 260 -14.88 -32.34 -9.01
CA GLN B 260 -15.88 -33.06 -9.80
C GLN B 260 -17.22 -33.09 -9.08
N LYS B 261 -17.20 -33.39 -7.79
CA LYS B 261 -18.47 -33.49 -7.06
C LYS B 261 -19.22 -32.17 -7.04
N ALA B 262 -18.49 -31.09 -6.80
CA ALA B 262 -19.12 -29.76 -6.74
C ALA B 262 -19.53 -29.28 -8.13
N ILE B 263 -18.75 -29.64 -9.13
CA ILE B 263 -19.14 -29.34 -10.51
C ILE B 263 -20.47 -30.01 -10.86
N ASP B 264 -20.59 -31.30 -10.56
CA ASP B 264 -21.81 -32.06 -10.82
C ASP B 264 -23.02 -31.50 -10.06
N ALA B 265 -22.74 -30.87 -8.93
CA ALA B 265 -23.78 -30.30 -8.06
C ALA B 265 -24.06 -28.83 -8.34
N GLY B 266 -23.45 -28.28 -9.39
CA GLY B 266 -23.81 -26.95 -9.87
C GLY B 266 -22.92 -25.79 -9.46
N ALA B 267 -21.62 -26.02 -9.31
CA ALA B 267 -20.66 -24.94 -9.12
C ALA B 267 -20.78 -23.89 -10.22
N ASP B 268 -20.71 -22.64 -9.82
CA ASP B 268 -20.86 -21.51 -10.72
C ASP B 268 -19.59 -21.21 -11.44
N MET B 269 -18.48 -21.30 -10.69
CA MET B 269 -17.21 -20.85 -11.20
C MET B 269 -16.12 -21.76 -10.66
N VAL B 270 -15.00 -21.79 -11.34
CA VAL B 270 -13.82 -22.51 -10.87
C VAL B 270 -12.63 -21.60 -11.09
N MET B 271 -11.83 -21.39 -10.03
CA MET B 271 -10.60 -20.60 -10.12
C MET B 271 -9.43 -21.52 -10.30
N THR B 272 -8.48 -21.11 -11.16
CA THR B 272 -7.30 -21.92 -11.42
C THR B 272 -6.22 -21.85 -10.35
N ALA B 273 -5.27 -22.79 -10.46
CA ALA B 273 -4.04 -22.74 -9.67
C ALA B 273 -2.87 -22.42 -10.61
N HIS B 274 -1.99 -21.51 -10.18
CA HIS B 274 -0.76 -21.24 -10.92
C HIS B 274 0.28 -22.25 -10.50
N VAL B 275 0.09 -23.50 -10.89
CA VAL B 275 0.91 -24.59 -10.40
C VAL B 275 1.17 -25.51 -11.57
N GLN B 276 2.37 -26.07 -11.63
CA GLN B 276 2.73 -26.95 -12.73
C GLN B 276 2.27 -28.36 -12.45
N PHE B 277 1.64 -29.00 -13.45
CA PHE B 277 1.23 -30.39 -13.34
C PHE B 277 1.70 -31.12 -14.61
N PRO B 278 2.98 -31.53 -14.67
CA PRO B 278 3.51 -32.13 -15.90
C PRO B 278 2.75 -33.41 -16.31
N ALA B 279 2.07 -34.05 -15.35
CA ALA B 279 1.29 -35.25 -15.68
C ALA B 279 0.12 -34.91 -16.61
N PHE B 280 -0.43 -33.71 -16.44
CA PHE B 280 -1.52 -33.20 -17.30
C PHE B 280 -0.99 -32.45 -18.50
N ASP B 281 0.08 -31.69 -18.32
CA ASP B 281 0.62 -30.89 -19.41
C ASP B 281 2.09 -30.64 -19.15
N ASP B 282 2.92 -31.25 -19.99
CA ASP B 282 4.37 -31.10 -19.86
C ASP B 282 4.94 -30.10 -20.85
N THR B 283 4.07 -29.26 -21.40
CA THR B 283 4.51 -28.19 -22.28
C THR B 283 5.41 -27.22 -21.54
N THR B 284 6.48 -26.77 -22.18
CA THR B 284 7.37 -25.79 -21.56
C THR B 284 7.45 -24.50 -22.36
N TYR B 285 7.82 -23.43 -21.67
CA TYR B 285 8.03 -22.12 -22.28
C TYR B 285 9.36 -21.54 -21.82
N LYS B 286 9.93 -20.64 -22.63
CA LYS B 286 11.15 -19.94 -22.25
C LYS B 286 10.82 -18.81 -21.28
N SER B 287 11.30 -18.93 -20.04
CA SER B 287 11.04 -17.92 -18.99
C SER B 287 11.58 -16.57 -19.41
N LYS B 288 10.83 -15.51 -19.11
CA LYS B 288 11.27 -14.16 -19.49
C LYS B 288 12.26 -13.64 -18.46
N LEU B 289 12.40 -14.37 -17.35
CA LEU B 289 13.37 -14.02 -16.32
C LEU B 289 14.75 -14.50 -16.74
N ASP B 290 14.95 -15.81 -16.72
CA ASP B 290 16.29 -16.36 -16.97
C ASP B 290 16.45 -17.07 -18.32
N GLY B 291 15.39 -17.09 -19.13
CA GLY B 291 15.48 -17.67 -20.46
C GLY B 291 15.39 -19.19 -20.51
N SER B 292 15.30 -19.80 -19.33
CA SER B 292 15.23 -21.27 -19.21
C SER B 292 13.85 -21.83 -19.53
N ASP B 293 13.78 -23.15 -19.71
CA ASP B 293 12.51 -23.82 -19.95
C ASP B 293 11.74 -24.03 -18.63
N ILE B 294 10.49 -23.56 -18.59
CA ILE B 294 9.67 -23.84 -17.43
C ILE B 294 8.34 -24.46 -17.83
N LEU B 295 7.91 -25.44 -17.04
CA LEU B 295 6.61 -26.07 -17.26
C LEU B 295 5.48 -25.07 -17.14
N VAL B 296 4.51 -25.21 -18.03
CA VAL B 296 3.33 -24.34 -18.03
C VAL B 296 2.54 -24.45 -16.71
N PRO B 297 2.18 -23.30 -16.11
CA PRO B 297 1.24 -23.35 -14.98
C PRO B 297 -0.15 -23.73 -15.47
N ALA B 298 -0.93 -24.40 -14.62
CA ALA B 298 -2.26 -24.88 -15.01
C ALA B 298 -3.12 -23.77 -15.63
N THR B 299 -3.05 -22.58 -15.04
CA THR B 299 -3.77 -21.42 -15.52
C THR B 299 -3.58 -21.15 -17.01
N LEU B 300 -2.39 -21.45 -17.53
CA LEU B 300 -2.08 -21.14 -18.92
C LEU B 300 -2.08 -22.38 -19.81
N SER B 301 -2.57 -23.49 -19.27
CA SER B 301 -2.56 -24.77 -19.99
C SER B 301 -3.90 -25.06 -20.65
N LYS B 302 -3.90 -25.17 -21.98
CA LYS B 302 -5.10 -25.56 -22.69
C LYS B 302 -5.52 -27.00 -22.36
N LYS B 303 -4.55 -27.88 -22.16
CA LYS B 303 -4.86 -29.27 -21.79
C LYS B 303 -5.62 -29.35 -20.47
N VAL B 304 -5.21 -28.53 -19.50
CA VAL B 304 -5.87 -28.55 -18.20
C VAL B 304 -7.19 -27.79 -18.22
N MET B 305 -7.21 -26.60 -18.81
CA MET B 305 -8.41 -25.78 -18.68
C MET B 305 -9.50 -26.17 -19.71
N THR B 306 -9.11 -26.49 -20.94
CA THR B 306 -10.07 -26.93 -21.94
C THR B 306 -10.20 -28.46 -21.99
N GLY B 307 -9.08 -29.15 -22.19
CA GLY B 307 -9.09 -30.60 -22.29
C GLY B 307 -9.69 -31.29 -21.08
N LEU B 308 -9.26 -30.89 -19.89
CA LEU B 308 -9.68 -31.57 -18.68
C LEU B 308 -10.93 -30.94 -18.07
N LEU B 309 -10.86 -29.66 -17.72
CA LEU B 309 -11.93 -29.02 -16.97
C LEU B 309 -13.19 -28.83 -17.81
N ARG B 310 -13.03 -28.18 -18.96
CA ARG B 310 -14.17 -27.93 -19.85
C ARG B 310 -14.72 -29.23 -20.43
N GLN B 311 -13.87 -30.03 -21.05
CA GLN B 311 -14.36 -31.17 -21.81
C GLN B 311 -14.54 -32.46 -21.01
N GLU B 312 -13.46 -33.02 -20.49
CA GLU B 312 -13.52 -34.29 -19.78
C GLU B 312 -14.42 -34.20 -18.55
N MET B 313 -14.31 -33.12 -17.77
CA MET B 313 -15.05 -33.01 -16.51
C MET B 313 -16.42 -32.36 -16.71
N GLY B 314 -16.63 -31.82 -17.90
CA GLY B 314 -17.94 -31.30 -18.26
C GLY B 314 -18.35 -30.01 -17.56
N PHE B 315 -17.38 -29.21 -17.12
CA PHE B 315 -17.72 -27.93 -16.49
C PHE B 315 -18.03 -26.85 -17.52
N ASN B 316 -19.26 -26.34 -17.48
CA ASN B 316 -19.65 -25.30 -18.42
CA ASN B 316 -19.70 -25.32 -18.40
C ASN B 316 -19.85 -23.96 -17.75
N GLY B 317 -19.42 -23.83 -16.50
CA GLY B 317 -19.48 -22.54 -15.82
C GLY B 317 -18.29 -21.64 -16.11
N VAL B 318 -18.13 -20.61 -15.28
CA VAL B 318 -17.12 -19.60 -15.55
C VAL B 318 -15.77 -20.05 -14.99
N ILE B 319 -14.76 -20.09 -15.83
CA ILE B 319 -13.38 -20.39 -15.39
C ILE B 319 -12.68 -19.05 -15.19
N VAL B 320 -12.16 -18.82 -13.98
CA VAL B 320 -11.50 -17.55 -13.67
C VAL B 320 -10.05 -17.83 -13.30
N THR B 321 -9.11 -17.01 -13.78
CA THR B 321 -7.72 -17.26 -13.40
C THR B 321 -7.52 -16.95 -11.93
N ASN B 322 -6.56 -17.62 -11.29
CA ASN B 322 -5.98 -17.05 -10.08
C ASN B 322 -5.37 -15.68 -10.40
N ALA B 323 -5.06 -14.89 -9.38
CA ALA B 323 -4.60 -13.52 -9.62
C ALA B 323 -3.35 -13.49 -10.46
N LEU B 324 -3.40 -12.73 -11.55
CA LEU B 324 -2.32 -12.75 -12.53
C LEU B 324 -1.11 -11.91 -12.12
N ASN B 325 -1.21 -11.22 -10.97
CA ASN B 325 -0.07 -10.47 -10.44
C ASN B 325 0.91 -11.34 -9.62
N MET B 326 0.52 -12.60 -9.35
CA MET B 326 1.35 -13.49 -8.52
C MET B 326 2.68 -13.80 -9.18
N LYS B 327 3.73 -13.94 -8.36
CA LYS B 327 5.08 -14.24 -8.84
C LYS B 327 5.12 -15.53 -9.68
N ALA B 328 4.25 -16.49 -9.37
CA ALA B 328 4.18 -17.74 -10.15
C ALA B 328 3.93 -17.48 -11.64
N ILE B 329 3.27 -16.36 -11.95
CA ILE B 329 3.05 -15.93 -13.33
C ILE B 329 3.96 -14.76 -13.75
N ALA B 330 3.96 -13.72 -12.93
CA ALA B 330 4.60 -12.45 -13.27
C ALA B 330 6.12 -12.57 -13.44
N ASP B 331 6.74 -13.50 -12.74
CA ASP B 331 8.20 -13.71 -12.88
C ASP B 331 8.60 -14.18 -14.29
N HIS B 332 7.74 -14.99 -14.92
CA HIS B 332 8.14 -15.79 -16.07
C HIS B 332 7.43 -15.46 -17.37
N PHE B 333 6.26 -14.84 -17.24
CA PHE B 333 5.46 -14.47 -18.39
C PHE B 333 5.14 -12.99 -18.32
N GLY B 334 5.07 -12.34 -19.48
CA GLY B 334 4.73 -10.93 -19.53
C GLY B 334 3.30 -10.67 -19.07
N GLN B 335 2.99 -9.40 -18.80
CA GLN B 335 1.67 -9.02 -18.28
C GLN B 335 0.57 -9.25 -19.31
N GLU B 336 0.70 -8.62 -20.47
CA GLU B 336 -0.26 -8.81 -21.54
C GLU B 336 -0.27 -10.28 -21.99
N GLU B 337 0.95 -10.83 -22.12
CA GLU B 337 1.16 -12.18 -22.58
C GLU B 337 0.42 -13.21 -21.73
N ALA B 338 0.47 -13.06 -20.41
CA ALA B 338 -0.19 -14.03 -19.53
C ALA B 338 -1.71 -14.04 -19.74
N VAL B 339 -2.27 -12.85 -19.97
CA VAL B 339 -3.72 -12.74 -20.15
C VAL B 339 -4.15 -13.45 -21.43
N VAL B 340 -3.40 -13.19 -22.50
CA VAL B 340 -3.68 -13.81 -23.79
C VAL B 340 -3.53 -15.33 -23.69
N MET B 341 -2.47 -15.78 -23.03
CA MET B 341 -2.26 -17.22 -22.85
C MET B 341 -3.38 -17.86 -22.03
N ALA B 342 -3.88 -17.15 -21.01
CA ALA B 342 -4.94 -17.70 -20.19
C ALA B 342 -6.23 -17.89 -21.00
N VAL B 343 -6.55 -16.88 -21.80
CA VAL B 343 -7.75 -16.95 -22.63
C VAL B 343 -7.59 -18.03 -23.70
N LYS B 344 -6.41 -18.12 -24.29
CA LYS B 344 -6.11 -19.22 -25.23
C LYS B 344 -6.31 -20.58 -24.58
N ALA B 345 -6.01 -20.68 -23.30
CA ALA B 345 -6.13 -21.95 -22.58
C ALA B 345 -7.58 -22.32 -22.34
N GLY B 346 -8.47 -21.31 -22.35
CA GLY B 346 -9.90 -21.53 -22.19
C GLY B 346 -10.55 -20.80 -21.04
N VAL B 347 -9.80 -19.95 -20.32
CA VAL B 347 -10.43 -19.24 -19.20
C VAL B 347 -11.42 -18.20 -19.71
N ASP B 348 -12.43 -17.91 -18.89
CA ASP B 348 -13.45 -16.92 -19.26
C ASP B 348 -13.16 -15.55 -18.64
N ILE B 349 -12.56 -15.54 -17.44
CA ILE B 349 -12.25 -14.28 -16.76
C ILE B 349 -10.78 -14.24 -16.37
N ALA B 350 -10.12 -13.17 -16.78
CA ALA B 350 -8.76 -12.91 -16.32
C ALA B 350 -8.80 -12.03 -15.07
N LEU B 351 -8.42 -12.61 -13.93
CA LEU B 351 -8.42 -11.90 -12.64
C LEU B 351 -7.15 -11.08 -12.43
N MET B 352 -7.32 -9.79 -12.13
CA MET B 352 -6.20 -8.88 -11.88
C MET B 352 -5.15 -8.90 -13.00
N PRO B 353 -5.57 -8.56 -14.23
CA PRO B 353 -4.71 -8.67 -15.40
C PRO B 353 -3.63 -7.59 -15.40
N ALA B 354 -3.86 -6.51 -14.66
CA ALA B 354 -2.84 -5.45 -14.58
C ALA B 354 -3.10 -4.59 -13.35
N SER B 355 -2.05 -4.02 -12.77
CA SER B 355 -2.22 -3.19 -11.59
C SER B 355 -2.13 -1.71 -11.97
N VAL B 356 -3.27 -1.05 -11.85
CA VAL B 356 -3.37 0.35 -12.19
C VAL B 356 -3.79 1.09 -10.92
N THR B 357 -2.92 1.96 -10.40
CA THR B 357 -3.19 2.66 -9.14
C THR B 357 -3.32 4.18 -9.32
N SER B 358 -3.25 4.63 -10.58
CA SER B 358 -3.50 6.03 -10.92
C SER B 358 -3.86 6.15 -12.39
N LEU B 359 -4.41 7.29 -12.80
CA LEU B 359 -4.76 7.52 -14.19
C LEU B 359 -3.52 7.52 -15.10
N LYS B 360 -2.36 7.80 -14.51
CA LYS B 360 -1.12 7.80 -15.29
C LYS B 360 -0.73 6.39 -15.78
N GLU B 361 -1.36 5.38 -15.21
CA GLU B 361 -1.10 3.97 -15.54
C GLU B 361 -2.21 3.30 -16.36
N GLU B 362 -3.22 4.07 -16.77
CA GLU B 362 -4.45 3.45 -17.29
C GLU B 362 -4.26 2.74 -18.62
N GLN B 363 -3.21 3.08 -19.36
CA GLN B 363 -2.94 2.43 -20.64
C GLN B 363 -2.57 0.96 -20.48
N LYS B 364 -2.22 0.55 -19.27
CA LYS B 364 -2.01 -0.87 -18.99
C LYS B 364 -3.23 -1.69 -19.40
N PHE B 365 -4.42 -1.16 -19.12
CA PHE B 365 -5.65 -1.84 -19.50
C PHE B 365 -5.83 -1.88 -21.02
N ALA B 366 -5.57 -0.75 -21.66
CA ALA B 366 -5.68 -0.65 -23.11
C ALA B 366 -4.74 -1.64 -23.80
N ARG B 367 -3.54 -1.81 -23.24
CA ARG B 367 -2.57 -2.72 -23.84
C ARG B 367 -3.00 -4.17 -23.68
N VAL B 368 -3.65 -4.50 -22.57
CA VAL B 368 -4.20 -5.84 -22.40
C VAL B 368 -5.30 -6.09 -23.43
N ILE B 369 -6.20 -5.12 -23.56
CA ILE B 369 -7.29 -5.25 -24.52
C ILE B 369 -6.78 -5.38 -25.96
N GLN B 370 -5.82 -4.54 -26.32
CA GLN B 370 -5.27 -4.54 -27.68
C GLN B 370 -4.57 -5.87 -27.98
N ALA B 371 -3.92 -6.44 -26.97
CA ALA B 371 -3.21 -7.71 -27.13
C ALA B 371 -4.21 -8.84 -27.38
N LEU B 372 -5.34 -8.79 -26.69
CA LEU B 372 -6.42 -9.74 -26.93
C LEU B 372 -7.00 -9.53 -28.31
N LYS B 373 -7.18 -8.27 -28.70
CA LYS B 373 -7.71 -7.95 -30.03
C LYS B 373 -6.84 -8.52 -31.12
N GLU B 374 -5.52 -8.35 -30.97
CA GLU B 374 -4.57 -8.84 -31.97
C GLU B 374 -4.63 -10.35 -32.09
N ALA B 375 -4.84 -11.02 -30.96
CA ALA B 375 -4.95 -12.47 -30.94
C ALA B 375 -6.22 -12.93 -31.64
N VAL B 376 -7.29 -12.15 -31.48
CA VAL B 376 -8.55 -12.45 -32.15
C VAL B 376 -8.45 -12.14 -33.64
N LYS B 377 -7.87 -10.98 -33.97
CA LYS B 377 -7.78 -10.54 -35.36
C LYS B 377 -6.87 -11.45 -36.18
N ASN B 378 -5.89 -12.05 -35.51
CA ASN B 378 -4.97 -12.97 -36.19
C ASN B 378 -5.48 -14.41 -36.13
N GLY B 379 -6.58 -14.61 -35.39
CA GLY B 379 -7.23 -15.90 -35.36
C GLY B 379 -6.74 -16.84 -34.28
N ASP B 380 -5.72 -16.42 -33.54
CA ASP B 380 -5.18 -17.22 -32.43
C ASP B 380 -6.23 -17.52 -31.37
N ILE B 381 -7.15 -16.57 -31.18
CA ILE B 381 -8.33 -16.81 -30.36
C ILE B 381 -9.55 -16.49 -31.22
N PRO B 382 -10.28 -17.54 -31.62
CA PRO B 382 -11.45 -17.35 -32.48
C PRO B 382 -12.49 -16.47 -31.78
N GLU B 383 -13.12 -15.55 -32.50
CA GLU B 383 -14.10 -14.66 -31.87
C GLU B 383 -15.22 -15.47 -31.24
N GLN B 384 -15.53 -16.63 -31.81
CA GLN B 384 -16.58 -17.47 -31.24
C GLN B 384 -16.24 -17.96 -29.83
N GLN B 385 -14.95 -18.16 -29.55
CA GLN B 385 -14.53 -18.56 -28.21
C GLN B 385 -14.78 -17.42 -27.22
N ILE B 386 -14.50 -16.20 -27.69
CA ILE B 386 -14.77 -15.01 -26.90
C ILE B 386 -16.27 -14.93 -26.62
N ASN B 387 -17.09 -15.13 -27.66
CA ASN B 387 -18.54 -15.11 -27.50
C ASN B 387 -19.03 -16.11 -26.45
N ASN B 388 -18.49 -17.34 -26.51
CA ASN B 388 -18.91 -18.39 -25.59
C ASN B 388 -18.55 -18.03 -24.16
N SER B 389 -17.36 -17.47 -23.96
CA SER B 389 -16.93 -17.05 -22.63
C SER B 389 -17.81 -15.95 -22.06
N VAL B 390 -18.08 -14.92 -22.87
CA VAL B 390 -18.93 -13.83 -22.41
C VAL B 390 -20.36 -14.32 -22.15
N GLU B 391 -20.85 -15.25 -22.97
CA GLU B 391 -22.14 -15.87 -22.68
C GLU B 391 -22.16 -16.59 -21.34
N ARG B 392 -21.07 -17.25 -20.97
CA ARG B 392 -21.01 -17.87 -19.64
C ARG B 392 -21.11 -16.83 -18.53
N ILE B 393 -20.41 -15.72 -18.73
CA ILE B 393 -20.37 -14.65 -17.73
C ILE B 393 -21.75 -14.03 -17.59
N ILE B 394 -22.37 -13.68 -18.71
CA ILE B 394 -23.69 -13.07 -18.69
C ILE B 394 -24.72 -14.04 -18.10
N SER B 395 -24.62 -15.31 -18.46
CA SER B 395 -25.55 -16.32 -17.95
C SER B 395 -25.44 -16.45 -16.43
N LEU B 396 -24.20 -16.44 -15.93
CA LEU B 396 -23.99 -16.49 -14.49
C LEU B 396 -24.58 -15.24 -13.83
N LYS B 397 -24.40 -14.08 -14.45
CA LYS B 397 -24.97 -12.84 -13.92
C LYS B 397 -26.49 -12.90 -13.86
N ILE B 398 -27.10 -13.53 -14.85
CA ILE B 398 -28.56 -13.68 -14.85
C ILE B 398 -28.99 -14.68 -13.79
N LYS B 399 -28.28 -15.82 -13.75
CA LYS B 399 -28.63 -16.93 -12.87
C LYS B 399 -28.64 -16.52 -11.39
N ARG B 400 -27.67 -15.70 -11.01
CA ARG B 400 -27.55 -15.31 -9.60
C ARG B 400 -28.20 -13.96 -9.31
N GLY B 401 -28.98 -13.47 -10.26
CA GLY B 401 -29.78 -12.27 -10.05
C GLY B 401 -28.97 -10.99 -9.94
N MET B 402 -27.82 -10.96 -10.63
CA MET B 402 -27.04 -9.73 -10.72
C MET B 402 -27.58 -8.86 -11.85
N TYR B 403 -28.18 -9.51 -12.84
CA TYR B 403 -28.55 -8.88 -14.10
C TYR B 403 -29.92 -9.38 -14.52
N PRO B 404 -30.94 -8.51 -14.53
CA PRO B 404 -30.89 -7.11 -14.12
C PRO B 404 -30.81 -6.94 -12.59
N ALA B 405 -30.46 -5.75 -12.15
CA ALA B 405 -30.37 -5.45 -10.72
C ALA B 405 -31.72 -5.68 -10.00
N ARG B 406 -31.65 -6.27 -8.82
CA ARG B 406 -32.84 -6.71 -8.10
C ARG B 406 -33.34 -5.71 -7.04
N ASN B 407 -32.42 -4.92 -6.51
CA ASN B 407 -32.71 -4.12 -5.31
C ASN B 407 -32.94 -2.65 -5.65
N SER B 408 -34.16 -2.19 -5.38
CA SER B 408 -34.56 -0.82 -5.71
C SER B 408 -34.47 0.13 -4.52
N ASP B 409 -33.97 -0.37 -3.39
CA ASP B 409 -33.81 0.48 -2.21
C ASP B 409 -32.82 1.59 -2.49
N SER B 410 -32.96 2.72 -1.79
CA SER B 410 -31.94 3.76 -1.83
C SER B 410 -30.70 3.20 -1.13
N THR B 411 -29.56 3.84 -1.36
CA THR B 411 -28.32 3.46 -0.70
C THR B 411 -28.47 3.60 0.82
N LYS B 412 -29.16 4.66 1.26
CA LYS B 412 -29.40 4.85 2.70
C LYS B 412 -30.18 3.67 3.28
N GLU B 413 -31.20 3.22 2.56
CA GLU B 413 -31.96 2.05 2.97
C GLU B 413 -31.12 0.78 2.98
N LYS B 414 -30.32 0.60 1.94
CA LYS B 414 -29.44 -0.55 1.87
C LYS B 414 -28.45 -0.57 3.03
N ILE B 415 -27.93 0.61 3.36
CA ILE B 415 -26.98 0.75 4.46
C ILE B 415 -27.62 0.34 5.78
N ALA B 416 -28.81 0.86 6.05
CA ALA B 416 -29.49 0.57 7.30
C ALA B 416 -29.73 -0.94 7.45
N LYS B 417 -30.17 -1.58 6.38
CA LYS B 417 -30.44 -3.01 6.40
C LYS B 417 -29.16 -3.81 6.60
N ALA B 418 -28.08 -3.40 5.93
CA ALA B 418 -26.81 -4.12 6.04
C ALA B 418 -26.24 -3.97 7.45
N LYS B 419 -26.47 -2.81 8.07
CA LYS B 419 -25.93 -2.60 9.41
C LYS B 419 -26.58 -3.54 10.42
N LYS B 420 -27.77 -4.05 10.07
CA LYS B 420 -28.48 -5.00 10.93
C LYS B 420 -28.14 -6.47 10.61
N ILE B 421 -27.47 -6.71 9.49
CA ILE B 421 -27.18 -8.06 9.03
C ILE B 421 -25.70 -8.42 9.21
N VAL B 422 -24.82 -7.52 8.78
CA VAL B 422 -23.39 -7.80 8.75
C VAL B 422 -22.81 -7.71 10.15
N GLY B 423 -22.21 -8.81 10.61
CA GLY B 423 -21.66 -8.86 11.96
C GLY B 423 -22.73 -8.87 13.03
N SER B 424 -23.95 -9.29 12.67
CA SER B 424 -25.06 -9.25 13.62
C SER B 424 -24.82 -10.18 14.79
N LYS B 425 -25.47 -9.89 15.92
CA LYS B 425 -25.33 -10.75 17.10
C LYS B 425 -25.68 -12.21 16.81
N GLN B 426 -26.74 -12.45 16.03
CA GLN B 426 -27.14 -13.82 15.66
C GLN B 426 -26.01 -14.53 14.92
N HIS B 427 -25.36 -13.81 14.02
CA HIS B 427 -24.26 -14.40 13.27
C HIS B 427 -23.07 -14.70 14.19
N LEU B 428 -22.80 -13.79 15.13
CA LEU B 428 -21.70 -14.01 16.08
C LEU B 428 -21.96 -15.24 16.95
N LYS B 429 -23.22 -15.42 17.36
CA LYS B 429 -23.61 -16.59 18.13
C LYS B 429 -23.33 -17.87 17.33
N ALA B 430 -23.68 -17.87 16.05
CA ALA B 430 -23.46 -19.04 15.23
C ALA B 430 -21.95 -19.28 15.09
N GLU B 431 -21.21 -18.19 14.91
CA GLU B 431 -19.77 -18.29 14.79
C GLU B 431 -19.16 -18.89 16.04
N LYS B 432 -19.61 -18.44 17.19
CA LYS B 432 -19.08 -18.91 18.48
C LYS B 432 -19.36 -20.39 18.68
N LYS B 433 -20.59 -20.81 18.43
CA LYS B 433 -20.95 -22.21 18.59
C LYS B 433 -20.08 -23.10 17.70
N LEU B 434 -19.87 -22.68 16.45
CA LEU B 434 -19.07 -23.49 15.53
C LEU B 434 -17.60 -23.56 15.96
N ALA B 435 -17.05 -22.42 16.37
CA ALA B 435 -15.64 -22.39 16.73
C ALA B 435 -15.41 -23.28 17.94
N GLU B 436 -16.36 -23.26 18.86
CA GLU B 436 -16.24 -24.05 20.08
C GLU B 436 -16.36 -25.53 19.79
N LYS B 437 -17.27 -25.87 18.90
CA LYS B 437 -17.46 -27.24 18.49
C LYS B 437 -16.19 -27.80 17.86
N ALA B 438 -15.49 -26.96 17.10
CA ALA B 438 -14.37 -27.39 16.28
C ALA B 438 -13.12 -27.69 17.11
N VAL B 439 -13.04 -27.08 18.30
CA VAL B 439 -11.87 -27.28 19.17
C VAL B 439 -11.62 -28.78 19.35
N THR B 440 -10.38 -29.18 19.16
CA THR B 440 -10.04 -30.60 19.13
C THR B 440 -9.06 -30.90 20.27
N VAL B 441 -9.50 -31.77 21.18
CA VAL B 441 -8.65 -32.13 22.33
C VAL B 441 -7.77 -33.33 21.99
N LEU B 442 -6.46 -33.16 22.09
CA LEU B 442 -5.56 -34.25 21.72
C LEU B 442 -5.00 -34.98 22.92
N LYS B 443 -4.84 -34.26 24.02
CA LYS B 443 -4.39 -34.88 25.27
C LYS B 443 -5.08 -34.18 26.41
N ASN B 444 -5.53 -34.94 27.40
CA ASN B 444 -5.94 -34.36 28.66
C ASN B 444 -5.73 -35.39 29.75
N GLU B 445 -4.48 -35.52 30.18
CA GLU B 445 -4.08 -36.52 31.19
C GLU B 445 -4.38 -36.01 32.58
N GLN B 446 -4.83 -36.93 33.43
CA GLN B 446 -5.13 -36.68 34.85
C GLN B 446 -5.98 -35.43 35.04
N HIS B 447 -6.93 -35.22 34.13
CA HIS B 447 -7.90 -34.13 34.22
C HIS B 447 -7.24 -32.77 34.43
N THR B 448 -6.16 -32.53 33.69
CA THR B 448 -5.48 -31.25 33.70
C THR B 448 -6.44 -30.15 33.28
N LEU B 449 -7.23 -30.45 32.26
CA LEU B 449 -8.34 -29.60 31.84
C LEU B 449 -9.65 -30.18 32.38
N PRO B 450 -10.60 -29.31 32.74
CA PRO B 450 -10.49 -27.84 32.69
C PRO B 450 -9.70 -27.26 33.85
N PHE B 451 -9.07 -26.10 33.61
CA PHE B 451 -8.51 -25.31 34.70
C PHE B 451 -9.64 -24.79 35.58
N LYS B 452 -9.49 -24.95 36.89
CA LYS B 452 -10.42 -24.34 37.83
C LYS B 452 -9.67 -23.55 38.90
N PRO B 453 -9.15 -22.37 38.53
CA PRO B 453 -8.27 -21.59 39.41
C PRO B 453 -8.97 -21.11 40.68
N LYS B 454 -8.26 -21.22 41.80
CA LYS B 454 -8.67 -20.58 43.04
C LYS B 454 -8.51 -19.08 42.88
N LYS B 455 -9.25 -18.31 43.68
CA LYS B 455 -9.14 -16.85 43.65
C LYS B 455 -7.71 -16.39 43.90
N GLY B 456 -7.23 -15.47 43.05
CA GLY B 456 -5.91 -14.92 43.22
C GLY B 456 -4.81 -15.72 42.55
N SER B 457 -5.19 -16.80 41.85
CA SER B 457 -4.22 -17.59 41.10
C SER B 457 -3.57 -16.73 40.04
N ARG B 458 -2.34 -17.07 39.69
CA ARG B 458 -1.62 -16.37 38.64
C ARG B 458 -1.61 -17.19 37.36
N ILE B 459 -2.19 -16.64 36.29
CA ILE B 459 -2.22 -17.32 35.00
C ILE B 459 -1.22 -16.66 34.06
N LEU B 460 -0.28 -17.45 33.56
CA LEU B 460 0.70 -16.97 32.59
C LEU B 460 0.21 -17.30 31.19
N ILE B 461 0.10 -16.27 30.36
CA ILE B 461 -0.40 -16.40 29.00
C ILE B 461 0.75 -16.26 28.03
N VAL B 462 1.01 -17.30 27.24
CA VAL B 462 2.22 -17.34 26.39
C VAL B 462 1.82 -17.58 24.95
N ALA B 463 2.22 -16.70 24.03
CA ALA B 463 1.88 -16.86 22.62
C ALA B 463 2.87 -16.05 21.79
N PRO B 464 2.97 -16.35 20.48
CA PRO B 464 4.00 -15.67 19.68
C PRO B 464 3.84 -14.15 19.66
N TYR B 465 2.61 -13.67 19.48
CA TYR B 465 2.38 -12.26 19.23
C TYR B 465 1.39 -11.62 20.21
N GLU B 466 1.54 -10.32 20.42
CA GLU B 466 0.71 -9.57 21.39
C GLU B 466 -0.79 -9.67 21.10
N GLU B 467 -1.19 -9.76 19.83
CA GLU B 467 -2.61 -9.85 19.53
C GLU B 467 -3.16 -11.16 20.04
N GLN B 468 -2.30 -12.17 20.07
CA GLN B 468 -2.72 -13.47 20.53
C GLN B 468 -2.81 -13.55 22.06
N THR B 469 -1.82 -13.00 22.77
CA THR B 469 -1.95 -12.95 24.22
C THR B 469 -3.10 -12.03 24.61
N ALA B 470 -3.36 -10.98 23.83
CA ALA B 470 -4.49 -10.10 24.13
C ALA B 470 -5.84 -10.80 24.01
N SER B 471 -5.98 -11.64 22.99
CA SER B 471 -7.23 -12.38 22.77
C SER B 471 -7.48 -13.35 23.94
N ILE B 472 -6.45 -14.05 24.40
CA ILE B 472 -6.61 -14.96 25.54
C ILE B 472 -6.95 -14.16 26.79
N GLU B 473 -6.22 -13.08 26.99
CA GLU B 473 -6.43 -12.20 28.13
C GLU B 473 -7.86 -11.62 28.16
N GLN B 474 -8.35 -11.12 27.02
CA GLN B 474 -9.68 -10.52 26.97
C GLN B 474 -10.76 -11.55 27.25
N THR B 475 -10.53 -12.77 26.76
CA THR B 475 -11.49 -13.85 26.97
C THR B 475 -11.55 -14.19 28.46
N ILE B 476 -10.41 -14.29 29.11
CA ILE B 476 -10.40 -14.60 30.54
C ILE B 476 -11.04 -13.47 31.36
N HIS B 477 -10.75 -12.22 31.00
CA HIS B 477 -11.34 -11.06 31.65
C HIS B 477 -12.86 -11.11 31.62
N ASP B 478 -13.40 -11.53 30.48
CA ASP B 478 -14.84 -11.65 30.31
C ASP B 478 -15.41 -12.73 31.22
N LEU B 479 -14.69 -13.85 31.34
CA LEU B 479 -15.10 -14.93 32.24
C LEU B 479 -15.12 -14.47 33.69
N ILE B 480 -14.11 -13.69 34.09
CA ILE B 480 -14.07 -13.14 35.44
C ILE B 480 -15.23 -12.17 35.66
N LYS B 481 -15.48 -11.33 34.65
CA LYS B 481 -16.51 -10.30 34.74
C LYS B 481 -17.89 -10.92 34.83
N ARG B 482 -18.08 -12.04 34.14
CA ARG B 482 -19.37 -12.71 34.13
C ARG B 482 -19.47 -13.69 35.28
N LYS B 483 -18.47 -13.65 36.17
CA LYS B 483 -18.43 -14.47 37.38
C LYS B 483 -18.44 -15.96 37.02
N LYS B 484 -17.83 -16.31 35.88
CA LYS B 484 -17.77 -17.70 35.46
C LYS B 484 -16.54 -18.37 36.06
N ILE B 485 -15.50 -17.57 36.28
CA ILE B 485 -14.37 -18.03 37.07
C ILE B 485 -14.03 -17.02 38.16
N LYS B 486 -13.31 -17.47 39.17
CA LYS B 486 -12.87 -16.60 40.25
C LYS B 486 -11.84 -15.60 39.74
N PRO B 487 -11.67 -14.48 40.45
CA PRO B 487 -10.67 -13.49 40.04
C PRO B 487 -9.26 -14.05 40.04
N VAL B 488 -8.52 -13.79 38.97
CA VAL B 488 -7.14 -14.26 38.86
C VAL B 488 -6.26 -13.12 38.34
N SER B 489 -4.96 -13.23 38.54
CA SER B 489 -4.04 -12.26 37.97
C SER B 489 -3.47 -12.79 36.66
N LEU B 490 -3.24 -11.89 35.70
CA LEU B 490 -2.79 -12.31 34.38
C LEU B 490 -1.48 -11.65 34.04
N SER B 491 -0.56 -12.44 33.50
CA SER B 491 0.67 -11.90 32.91
C SER B 491 0.84 -12.48 31.52
N LYS B 492 1.53 -11.74 30.65
CA LYS B 492 1.64 -12.16 29.26
C LYS B 492 3.11 -12.30 28.87
N MET B 493 3.39 -13.23 27.96
CA MET B 493 4.74 -13.44 27.45
C MET B 493 4.61 -13.65 25.94
N ASN B 494 5.11 -12.69 25.17
CA ASN B 494 5.07 -12.79 23.71
C ASN B 494 6.41 -13.29 23.22
N PHE B 495 6.44 -14.43 22.52
CA PHE B 495 7.74 -15.07 22.31
C PHE B 495 8.32 -15.14 20.90
N ALA B 496 7.62 -14.56 19.92
CA ALA B 496 8.16 -14.54 18.56
C ALA B 496 9.53 -13.87 18.55
N SER B 497 10.48 -14.53 17.89
CA SER B 497 11.86 -14.07 17.76
C SER B 497 12.63 -14.02 19.08
N GLN B 498 12.07 -14.62 20.13
CA GLN B 498 12.75 -14.67 21.42
C GLN B 498 13.41 -16.02 21.68
N VAL B 499 14.34 -16.04 22.62
CA VAL B 499 14.94 -17.30 23.08
C VAL B 499 14.65 -17.41 24.57
N PHE B 500 14.24 -18.59 25.01
CA PHE B 500 13.80 -18.79 26.39
C PHE B 500 14.95 -18.61 27.38
N LYS B 501 14.74 -17.72 28.34
CA LYS B 501 15.83 -17.30 29.23
C LYS B 501 15.40 -17.30 30.70
N THR B 502 16.29 -16.84 31.57
CA THR B 502 16.03 -16.94 33.01
C THR B 502 14.81 -16.10 33.42
N GLU B 503 14.68 -14.92 32.81
CA GLU B 503 13.52 -14.07 33.04
C GLU B 503 12.22 -14.81 32.71
N HIS B 504 12.24 -15.64 31.68
CA HIS B 504 11.06 -16.41 31.27
C HIS B 504 10.80 -17.58 32.24
N GLU B 505 11.87 -18.28 32.63
CA GLU B 505 11.74 -19.34 33.62
C GLU B 505 11.14 -18.83 34.93
N LYS B 506 11.53 -17.61 35.32
CA LYS B 506 11.00 -16.97 36.53
C LYS B 506 9.48 -16.78 36.44
N GLN B 507 9.01 -16.33 35.28
CA GLN B 507 7.60 -16.12 35.10
C GLN B 507 6.86 -17.45 35.19
N VAL B 508 7.49 -18.51 34.68
CA VAL B 508 6.90 -19.84 34.73
C VAL B 508 6.85 -20.36 36.16
N LYS B 509 7.94 -20.19 36.89
CA LYS B 509 8.01 -20.66 38.27
C LYS B 509 6.99 -19.95 39.16
N GLU B 510 6.69 -18.69 38.83
CA GLU B 510 5.78 -17.86 39.61
C GLU B 510 4.31 -18.09 39.27
N ALA B 511 4.06 -18.75 38.14
CA ALA B 511 2.70 -18.94 37.67
C ALA B 511 2.00 -20.11 38.38
N ASP B 512 0.68 -20.05 38.47
CA ASP B 512 -0.07 -21.17 38.98
C ASP B 512 -0.65 -22.01 37.84
N TYR B 513 -0.91 -21.36 36.71
CA TYR B 513 -1.42 -22.02 35.51
C TYR B 513 -0.76 -21.39 34.30
N ILE B 514 -0.51 -22.21 33.28
CA ILE B 514 0.15 -21.71 32.08
C ILE B 514 -0.61 -22.14 30.82
N ILE B 515 -0.95 -21.14 30.01
CA ILE B 515 -1.56 -21.38 28.71
C ILE B 515 -0.57 -20.92 27.66
N THR B 516 -0.17 -21.84 26.80
CA THR B 516 0.82 -21.51 25.77
C THR B 516 0.25 -21.80 24.40
N GLY B 517 0.31 -20.81 23.51
CA GLY B 517 -0.10 -21.01 22.13
C GLY B 517 1.12 -21.28 21.26
N SER B 518 0.99 -22.28 20.38
CA SER B 518 2.06 -22.62 19.45
C SER B 518 1.58 -22.29 18.03
N TYR B 519 2.48 -21.74 17.22
CA TYR B 519 2.15 -21.32 15.86
C TYR B 519 3.17 -21.90 14.89
N VAL B 520 2.72 -22.78 13.99
CA VAL B 520 3.56 -23.21 12.88
C VAL B 520 2.81 -23.22 11.58
N VAL B 521 3.55 -22.99 10.50
CA VAL B 521 3.06 -23.28 9.16
C VAL B 521 3.63 -24.64 8.78
N LYS B 522 4.90 -24.67 8.37
CA LYS B 522 5.58 -25.94 8.21
C LYS B 522 6.22 -26.33 9.53
N ASN B 523 5.91 -27.51 10.02
CA ASN B 523 6.50 -27.96 11.28
C ASN B 523 7.81 -28.67 10.99
N ASP B 524 8.92 -27.98 11.23
CA ASP B 524 10.23 -28.53 10.89
C ASP B 524 11.24 -28.49 12.02
N PRO B 525 10.85 -28.98 13.23
CA PRO B 525 11.82 -28.95 14.33
C PRO B 525 13.03 -29.79 14.01
N VAL B 526 14.17 -29.40 14.56
CA VAL B 526 15.38 -30.22 14.43
C VAL B 526 15.27 -31.41 15.37
N VAL B 527 15.46 -32.61 14.82
CA VAL B 527 15.33 -33.86 15.56
C VAL B 527 16.44 -34.80 15.17
N ASN B 528 17.03 -35.45 16.17
CA ASN B 528 18.03 -36.47 15.97
C ASN B 528 17.75 -37.70 16.82
N ASP B 529 17.71 -38.88 16.17
CA ASP B 529 17.49 -40.14 16.88
C ASP B 529 16.31 -40.09 17.85
N GLY B 530 15.25 -39.41 17.44
CA GLY B 530 14.01 -39.36 18.20
C GLY B 530 14.00 -38.25 19.24
N VAL B 531 15.06 -37.44 19.27
CA VAL B 531 15.16 -36.40 20.27
C VAL B 531 15.05 -35.03 19.61
N ILE B 532 14.02 -34.29 19.96
CA ILE B 532 13.87 -32.93 19.47
C ILE B 532 14.95 -32.08 20.12
N ASP B 533 15.66 -31.29 19.33
CA ASP B 533 16.83 -30.59 19.84
C ASP B 533 16.40 -29.34 20.61
N ASP B 534 16.66 -29.34 21.91
CA ASP B 534 16.32 -28.19 22.76
CA ASP B 534 16.32 -28.17 22.74
C ASP B 534 17.55 -27.32 23.04
N THR B 535 18.67 -27.62 22.37
CA THR B 535 19.91 -26.87 22.62
C THR B 535 20.09 -25.68 21.65
N ILE B 536 19.14 -25.53 20.72
CA ILE B 536 19.23 -24.51 19.67
C ILE B 536 19.02 -23.09 20.21
N SER B 537 20.02 -22.23 20.03
CA SER B 537 19.95 -20.84 20.52
C SER B 537 19.71 -19.83 19.39
N ASP B 538 19.58 -20.30 18.16
CA ASP B 538 19.22 -19.47 17.03
C ASP B 538 17.80 -18.96 17.21
N SER B 539 17.64 -17.66 17.44
CA SER B 539 16.31 -17.10 17.75
C SER B 539 15.34 -17.22 16.59
N SER B 540 15.84 -17.47 15.38
CA SER B 540 14.96 -17.61 14.21
C SER B 540 14.17 -18.92 14.24
N LYS B 541 14.60 -19.87 15.08
CA LYS B 541 13.89 -21.14 15.25
C LYS B 541 12.87 -21.08 16.39
N TRP B 542 12.51 -19.87 16.78
CA TRP B 542 11.60 -19.67 17.92
C TRP B 542 10.28 -20.46 17.85
N ALA B 543 9.73 -20.65 16.65
CA ALA B 543 8.38 -21.22 16.53
C ALA B 543 8.33 -22.66 17.02
N THR B 544 9.44 -23.36 16.86
CA THR B 544 9.50 -24.78 17.24
C THR B 544 10.31 -25.02 18.50
N VAL B 545 11.05 -24.01 18.98
CA VAL B 545 11.91 -24.19 20.14
C VAL B 545 11.35 -23.56 21.42
N PHE B 546 10.78 -22.38 21.31
CA PHE B 546 10.38 -21.62 22.51
C PHE B 546 9.20 -22.29 23.26
N PRO B 547 8.12 -22.69 22.55
CA PRO B 547 7.01 -23.29 23.31
C PRO B 547 7.41 -24.57 24.05
N ARG B 548 8.22 -25.40 23.40
CA ARG B 548 8.81 -26.57 24.08
C ARG B 548 9.62 -26.22 25.32
N ALA B 549 10.38 -25.11 25.25
CA ALA B 549 11.16 -24.69 26.40
C ALA B 549 10.23 -24.31 27.56
N VAL B 550 9.09 -23.69 27.24
CA VAL B 550 8.11 -23.32 28.26
C VAL B 550 7.48 -24.58 28.85
N MET B 551 7.13 -25.51 27.97
CA MET B 551 6.58 -26.79 28.42
C MET B 551 7.52 -27.48 29.40
N LYS B 552 8.78 -27.60 28.98
CA LYS B 552 9.81 -28.26 29.78
C LYS B 552 9.94 -27.62 31.17
N ALA B 553 10.00 -26.29 31.21
CA ALA B 553 10.10 -25.59 32.49
C ALA B 553 8.82 -25.79 33.31
N ALA B 554 7.66 -25.75 32.65
CA ALA B 554 6.38 -25.96 33.36
C ALA B 554 6.32 -27.33 34.00
N LEU B 555 6.73 -28.34 33.24
CA LEU B 555 6.70 -29.71 33.74
C LEU B 555 7.69 -29.88 34.88
N GLN B 556 8.83 -29.20 34.76
CA GLN B 556 9.88 -29.32 35.76
C GLN B 556 9.42 -28.70 37.08
N HIS B 557 8.58 -27.68 36.98
CA HIS B 557 8.11 -27.01 38.19
C HIS B 557 6.69 -27.43 38.56
N ASN B 558 6.24 -28.56 38.00
CA ASN B 558 4.94 -29.14 38.33
C ASN B 558 3.79 -28.13 38.15
N LYS B 559 3.81 -27.43 37.02
CA LYS B 559 2.79 -26.43 36.76
C LYS B 559 1.75 -26.99 35.80
N PRO B 560 0.46 -26.76 36.07
CA PRO B 560 -0.56 -27.08 35.07
C PRO B 560 -0.28 -26.33 33.78
N PHE B 561 -0.24 -27.05 32.67
CA PHE B 561 0.22 -26.48 31.43
C PHE B 561 -0.65 -27.00 30.30
N VAL B 562 -1.16 -26.09 29.48
CA VAL B 562 -1.88 -26.53 28.29
C VAL B 562 -1.27 -25.86 27.07
N LEU B 563 -1.08 -26.65 26.02
CA LEU B 563 -0.58 -26.15 24.74
C LEU B 563 -1.78 -26.05 23.80
N MET B 564 -2.01 -24.86 23.27
CA MET B 564 -3.03 -24.64 22.24
C MET B 564 -2.36 -24.44 20.88
N SER B 565 -2.59 -25.36 19.96
CA SER B 565 -2.07 -25.21 18.59
C SER B 565 -2.92 -24.19 17.85
N LEU B 566 -2.26 -23.18 17.27
CA LEU B 566 -2.97 -22.00 16.75
C LEU B 566 -3.17 -21.99 15.24
N ARG B 567 -2.24 -22.55 14.50
CA ARG B 567 -2.39 -22.53 13.05
C ARG B 567 -2.45 -23.96 12.53
N ASN B 568 -1.41 -24.45 11.86
CA ASN B 568 -1.46 -25.83 11.42
C ASN B 568 -1.26 -26.74 12.61
N PRO B 569 -2.05 -27.83 12.69
CA PRO B 569 -2.09 -28.61 13.93
C PRO B 569 -0.92 -29.57 14.06
N TYR B 570 -0.01 -29.57 13.08
CA TYR B 570 1.10 -30.52 13.07
C TYR B 570 2.06 -30.29 14.22
N ASP B 571 2.05 -29.07 14.77
CA ASP B 571 2.89 -28.79 15.93
C ASP B 571 2.50 -29.56 17.20
N ALA B 572 1.35 -30.23 17.18
CA ALA B 572 0.98 -31.12 18.29
C ALA B 572 2.05 -32.17 18.52
N ALA B 573 2.75 -32.55 17.45
CA ALA B 573 3.82 -33.56 17.57
C ALA B 573 5.04 -33.05 18.35
N ASN B 574 5.11 -31.73 18.56
CA ASN B 574 6.24 -31.14 19.28
C ASN B 574 6.06 -31.21 20.80
N PHE B 575 4.98 -31.81 21.26
CA PHE B 575 4.65 -31.72 22.70
C PHE B 575 4.13 -33.03 23.25
N GLU B 576 4.83 -34.13 22.97
CA GLU B 576 4.39 -35.42 23.47
C GLU B 576 4.46 -35.46 25.00
N GLU B 577 5.32 -34.63 25.58
CA GLU B 577 5.51 -34.60 27.02
C GLU B 577 4.34 -33.92 27.75
N ALA B 578 3.56 -33.13 27.02
CA ALA B 578 2.52 -32.29 27.61
C ALA B 578 1.37 -33.14 28.11
N LYS B 579 0.68 -32.67 29.15
CA LYS B 579 -0.46 -33.39 29.71
C LYS B 579 -1.79 -32.89 29.14
N ALA B 580 -1.76 -31.70 28.55
CA ALA B 580 -2.97 -31.11 27.96
C ALA B 580 -2.61 -30.42 26.66
N LEU B 581 -3.37 -30.73 25.60
CA LEU B 581 -3.01 -30.28 24.26
C LEU B 581 -4.32 -30.16 23.45
N ILE B 582 -4.57 -28.97 22.90
CA ILE B 582 -5.74 -28.77 22.04
C ILE B 582 -5.35 -28.09 20.74
N ALA B 583 -6.18 -28.21 19.71
CA ALA B 583 -5.93 -27.50 18.46
C ALA B 583 -7.18 -26.68 18.13
N VAL B 584 -6.97 -25.47 17.63
CA VAL B 584 -8.10 -24.59 17.34
C VAL B 584 -8.14 -24.13 15.87
N TYR B 585 -7.07 -24.40 15.13
CA TYR B 585 -7.04 -24.20 13.67
C TYR B 585 -7.23 -22.74 13.24
N GLY B 586 -6.79 -21.78 14.04
CA GLY B 586 -6.91 -20.39 13.62
C GLY B 586 -6.23 -19.48 14.61
N PHE B 587 -5.40 -18.57 14.10
CA PHE B 587 -4.38 -17.94 14.94
C PHE B 587 -4.57 -16.43 15.17
N LYS B 588 -5.53 -15.81 14.49
CA LYS B 588 -5.63 -14.36 14.58
C LYS B 588 -6.18 -13.94 15.93
N GLY B 589 -5.65 -12.85 16.46
CA GLY B 589 -5.93 -12.49 17.83
C GLY B 589 -6.91 -11.33 17.94
N TYR B 590 -6.64 -10.45 18.89
CA TYR B 590 -7.53 -9.36 19.26
C TYR B 590 -6.79 -8.05 19.11
N ALA B 591 -7.39 -7.12 18.37
CA ALA B 591 -6.75 -5.83 18.10
C ALA B 591 -7.80 -4.76 17.89
N ASN B 592 -7.54 -3.58 18.47
CA ASN B 592 -8.41 -2.43 18.33
C ASN B 592 -9.85 -2.75 18.70
N GLY B 593 -10.00 -3.51 19.79
CA GLY B 593 -11.31 -3.81 20.34
C GLY B 593 -12.08 -4.92 19.64
N ARG B 594 -11.45 -5.60 18.69
CA ARG B 594 -12.12 -6.61 17.86
C ARG B 594 -11.37 -7.96 17.86
N TYR B 595 -12.12 -9.04 18.04
CA TYR B 595 -11.56 -10.36 17.80
C TYR B 595 -11.48 -10.59 16.29
N LEU B 596 -10.27 -10.91 15.82
CA LEU B 596 -10.08 -11.10 14.39
C LEU B 596 -10.41 -12.53 13.94
N GLN B 597 -10.50 -13.45 14.90
CA GLN B 597 -11.01 -14.81 14.68
C GLN B 597 -11.58 -15.34 15.98
N PRO B 598 -12.48 -16.32 15.90
CA PRO B 598 -13.13 -16.87 17.10
C PRO B 598 -12.38 -18.07 17.71
N ASN B 599 -11.34 -18.55 17.02
CA ASN B 599 -10.72 -19.83 17.37
C ASN B 599 -10.01 -19.80 18.72
N ILE B 600 -9.22 -18.75 18.93
CA ILE B 600 -8.51 -18.62 20.21
C ILE B 600 -9.47 -18.50 21.38
N PRO B 601 -10.50 -17.62 21.28
CA PRO B 601 -11.48 -17.60 22.37
C PRO B 601 -12.13 -18.96 22.62
N ALA B 602 -12.44 -19.69 21.54
CA ALA B 602 -13.10 -20.98 21.67
C ALA B 602 -12.22 -21.94 22.45
N GLY B 603 -10.92 -21.88 22.20
CA GLY B 603 -9.97 -22.74 22.90
C GLY B 603 -9.87 -22.38 24.39
N VAL B 604 -9.83 -21.08 24.68
CA VAL B 604 -9.79 -20.60 26.07
C VAL B 604 -11.05 -20.98 26.81
N MET B 605 -12.20 -20.85 26.14
CA MET B 605 -13.46 -21.30 26.73
C MET B 605 -13.39 -22.78 27.12
N ALA B 606 -12.83 -23.59 26.23
CA ALA B 606 -12.71 -25.02 26.51
C ALA B 606 -11.79 -25.28 27.69
N ILE B 607 -10.68 -24.54 27.72
CA ILE B 607 -9.66 -24.72 28.77
C ILE B 607 -10.24 -24.48 30.15
N PHE B 608 -11.18 -23.54 30.25
CA PHE B 608 -11.80 -23.22 31.54
C PHE B 608 -13.18 -23.86 31.74
N GLY B 609 -13.51 -24.81 30.89
CA GLY B 609 -14.72 -25.59 31.09
C GLY B 609 -15.99 -24.85 30.75
N GLN B 610 -15.90 -23.88 29.85
CA GLN B 610 -17.05 -23.03 29.52
C GLN B 610 -17.58 -23.32 28.12
N ALA B 611 -17.05 -24.36 27.50
CA ALA B 611 -17.52 -24.83 26.20
C ALA B 611 -17.20 -26.31 26.05
N LYS B 612 -17.94 -27.01 25.19
CA LYS B 612 -17.73 -28.44 24.97
C LYS B 612 -17.14 -28.70 23.59
N PRO B 613 -15.82 -28.96 23.53
CA PRO B 613 -15.19 -29.31 22.25
C PRO B 613 -15.72 -30.64 21.75
N LYS B 614 -15.99 -30.72 20.46
CA LYS B 614 -16.46 -31.93 19.81
C LYS B 614 -15.59 -32.27 18.59
N GLY B 615 -14.47 -31.59 18.45
CA GLY B 615 -13.64 -31.70 17.27
C GLY B 615 -12.87 -33.00 17.20
N THR B 616 -12.72 -33.52 15.99
CA THR B 616 -11.83 -34.64 15.74
C THR B 616 -10.90 -34.24 14.58
N LEU B 617 -9.68 -34.74 14.58
CA LEU B 617 -8.69 -34.25 13.61
C LEU B 617 -9.15 -34.49 12.17
N PRO B 618 -9.10 -33.45 11.32
CA PRO B 618 -9.42 -33.63 9.90
C PRO B 618 -8.17 -33.87 9.05
N VAL B 619 -7.02 -34.05 9.72
CA VAL B 619 -5.77 -34.42 9.08
C VAL B 619 -5.09 -35.42 9.98
N ASP B 620 -4.14 -36.20 9.43
CA ASP B 620 -3.21 -36.98 10.24
C ASP B 620 -2.11 -36.06 10.77
N ILE B 621 -1.66 -36.31 11.99
CA ILE B 621 -0.50 -35.61 12.56
C ILE B 621 0.71 -36.54 12.59
N PRO B 622 1.70 -36.30 11.71
CA PRO B 622 2.90 -37.15 11.68
C PRO B 622 3.69 -37.05 12.96
N SER B 623 4.25 -38.17 13.40
CA SER B 623 5.17 -38.12 14.53
C SER B 623 6.43 -37.39 14.11
N VAL B 624 7.00 -36.65 15.05
CA VAL B 624 8.25 -35.94 14.84
C VAL B 624 9.39 -36.78 15.40
N THR B 625 9.10 -37.46 16.50
CA THR B 625 10.11 -38.26 17.19
C THR B 625 10.30 -39.63 16.54
N LYS B 626 9.31 -40.07 15.77
CA LYS B 626 9.42 -41.36 15.07
C LYS B 626 9.00 -41.18 13.60
N PRO B 627 9.93 -40.68 12.77
CA PRO B 627 9.60 -40.30 11.38
C PRO B 627 8.97 -41.46 10.59
N GLY B 628 7.90 -41.17 9.85
CA GLY B 628 7.21 -42.22 9.12
C GLY B 628 6.06 -42.82 9.90
N ASN B 629 5.95 -42.46 11.18
CA ASN B 629 4.81 -42.87 11.99
C ASN B 629 3.75 -41.77 12.08
N THR B 630 2.51 -42.17 12.31
CA THR B 630 1.43 -41.22 12.59
C THR B 630 1.23 -41.15 14.10
N LEU B 631 1.34 -39.94 14.66
CA LEU B 631 1.15 -39.74 16.09
C LEU B 631 -0.32 -39.69 16.44
N TYR B 632 -1.07 -38.85 15.74
CA TYR B 632 -2.52 -38.78 15.90
C TYR B 632 -3.16 -38.94 14.56
N PRO B 633 -4.08 -39.91 14.43
CA PRO B 633 -4.69 -40.18 13.13
C PRO B 633 -5.90 -39.30 12.87
N LEU B 634 -6.19 -39.10 11.60
CA LEU B 634 -7.43 -38.47 11.19
C LEU B 634 -8.58 -39.13 11.95
N GLY B 635 -9.44 -38.30 12.54
CA GLY B 635 -10.60 -38.80 13.26
C GLY B 635 -10.41 -38.85 14.77
N TYR B 636 -9.19 -38.60 15.21
CA TYR B 636 -8.87 -38.63 16.63
C TYR B 636 -9.30 -37.35 17.32
N GLY B 637 -9.99 -37.49 18.45
CA GLY B 637 -10.35 -36.32 19.25
C GLY B 637 -10.91 -36.84 20.56
N LEU B 638 -10.58 -36.16 21.65
CA LEU B 638 -10.94 -36.64 22.97
C LEU B 638 -12.12 -35.87 23.52
N ASN B 639 -12.90 -36.56 24.33
CA ASN B 639 -13.87 -35.89 25.19
C ASN B 639 -13.12 -35.28 26.35
N ILE B 640 -13.30 -33.97 26.53
CA ILE B 640 -12.50 -33.18 27.47
C ILE B 640 -12.75 -33.60 28.92
N LYS B 641 -13.91 -34.20 29.17
CA LYS B 641 -14.30 -34.60 30.50
C LYS B 641 -13.68 -35.93 30.90
N THR B 642 -13.61 -36.86 29.95
CA THR B 642 -13.24 -38.24 30.28
C THR B 642 -11.81 -38.58 29.87
N GLY B 643 -11.30 -37.89 28.86
CA GLY B 643 -9.97 -38.17 28.33
C GLY B 643 -10.08 -39.35 27.38
N ARG B 644 -11.32 -39.78 27.15
CA ARG B 644 -11.66 -40.84 26.22
C ARG B 644 -11.99 -40.30 24.82
N PRO B 645 -11.57 -41.03 23.77
CA PRO B 645 -11.90 -40.70 22.38
C PRO B 645 -13.40 -40.50 22.19
N LEU B 646 -13.78 -39.44 21.47
CA LEU B 646 -15.18 -39.16 21.18
C LEU B 646 -15.73 -40.24 20.25
C1 MUB C . 6.88 8.09 -4.05
C2 MUB C . 7.25 9.36 -3.26
C3 MUB C . 7.97 10.21 -4.07
C4 MUB C . 9.24 9.57 -4.50
C5 MUB C . 8.92 8.27 -5.19
C6 MUB C . 10.08 7.39 -5.53
C7 MUB C . 5.30 9.31 -1.67
C8 MUB C . 4.01 9.90 -1.20
C9 MUB C . 7.98 12.72 -4.02
C10 MUB C . 6.53 13.13 -4.03
C11 MUB C . 8.82 13.78 -3.38
O1 MUB C . 6.24 8.45 -5.18
O3 MUB C . 8.25 11.49 -3.36
O4 MUB C . 9.92 10.52 -5.34
O5 MUB C . 8.09 7.45 -4.40
O6 MUB C . 9.82 6.07 -5.62
O7 MUB C . 5.75 8.34 -1.11
O11 MUB C . 6.02 13.63 -5.07
O10 MUB C . 5.79 13.01 -3.01
N2 MUB C . 5.95 9.95 -2.79
C1 NAG C . 11.32 10.64 -5.45
C2 NAG C . 11.75 12.07 -5.55
C3 NAG C . 12.77 12.51 -4.56
C4 NAG C . 12.59 11.89 -3.30
C5 NAG C . 12.82 10.43 -3.43
C6 NAG C . 12.48 9.73 -2.18
C7 NAG C . 11.71 13.35 -7.70
C8 NAG C . 12.27 13.65 -9.08
N2 NAG C . 12.32 12.32 -6.88
O3 NAG C . 12.67 13.94 -4.46
O4 NAG C . 13.47 12.46 -2.31
O5 NAG C . 11.98 9.83 -4.52
O6 NAG C . 11.14 9.83 -1.77
O7 NAG C . 10.73 13.96 -7.29
C1 MUB D . -3.03 -10.80 -1.96
C2 MUB D . -4.30 -11.47 -1.43
C3 MUB D . -4.23 -12.83 -1.62
C4 MUB D . -4.08 -13.15 -3.06
C5 MUB D . -2.88 -12.43 -3.62
C6 MUB D . -2.74 -12.51 -5.10
C7 MUB D . -4.72 -9.76 0.40
C8 MUB D . -4.74 -9.44 1.87
C9 MUB D . -5.28 -14.70 -0.32
C10 MUB D . -4.83 -14.43 1.10
C11 MUB D . -6.55 -15.46 -0.33
O1 MUB D . -1.95 -11.34 -1.35
O3 MUB D . -5.44 -13.52 -1.08
O4 MUB D . -3.97 -14.57 -3.20
O5 MUB D . -2.94 -11.05 -3.35
O6 MUB D . -2.10 -11.44 -5.65
O7 MUB D . -4.99 -8.91 -0.41
O11 MUB D . -5.23 -13.43 1.75
O10 MUB D . -4.04 -15.24 1.65
N2 MUB D . -4.35 -11.10 0.03
C1 NAG D . -4.56 -15.30 -4.27
C2 NAG D . -5.21 -16.58 -3.77
C3 NAG D . -6.63 -16.76 -4.21
C4 NAG D . -7.36 -15.55 -4.25
C5 NAG D . -6.79 -14.64 -5.29
C6 NAG D . -7.39 -13.30 -5.15
C7 NAG D . -3.93 -18.68 -3.36
C8 NAG D . -3.18 -19.89 -3.87
N2 NAG D . -4.46 -17.72 -4.31
O3 NAG D . -7.24 -17.74 -3.35
O4 NAG D . -8.77 -15.81 -4.53
O5 NAG D . -5.30 -14.51 -5.16
O6 NAG D . -7.15 -12.62 -3.94
O7 NAG D . -4.09 -18.48 -2.17
C1 NAG E . 11.76 10.51 -5.65
C2 NAG E . 11.84 12.01 -5.64
C3 NAG E . 12.77 12.52 -4.58
C4 NAG E . 12.56 11.90 -3.32
C5 NAG E . 12.67 10.42 -3.44
C6 NAG E . 12.44 9.79 -2.14
C7 NAG E . 11.66 13.39 -7.73
C8 NAG E . 12.22 13.77 -9.09
N2 NAG E . 12.37 12.39 -6.95
O1 NAG E . 10.77 10.10 -6.57
O3 NAG E . 12.61 13.94 -4.48
O4 NAG E . 13.49 12.42 -2.33
O5 NAG E . 11.60 9.96 -4.38
O6 NAG E . 11.12 9.79 -1.66
O7 NAG E . 10.65 13.91 -7.30
C1 NAG F . -4.49 -15.50 -4.64
C2 NAG F . -5.16 -16.63 -3.92
C3 NAG F . -6.61 -16.79 -4.25
C4 NAG F . -7.34 -15.57 -4.27
C5 NAG F . -6.68 -14.60 -5.19
C6 NAG F . -7.42 -13.33 -5.18
C7 NAG F . -3.94 -18.72 -3.34
C8 NAG F . -3.22 -19.98 -3.77
N2 NAG F . -4.45 -17.83 -4.35
O1 NAG F . -3.20 -15.30 -4.09
O3 NAG F . -7.18 -17.73 -3.32
O4 NAG F . -8.72 -15.79 -4.64
O5 NAG F . -5.29 -14.35 -4.70
O6 NAG F . -7.28 -12.54 -4.03
O7 NAG F . -4.09 -18.45 -2.15
#